data_8VLI
#
_entry.id   8VLI
#
_cell.length_a   1.00
_cell.length_b   1.00
_cell.length_c   1.00
_cell.angle_alpha   90.00
_cell.angle_beta   90.00
_cell.angle_gamma   90.00
#
_symmetry.space_group_name_H-M   'P 1'
#
loop_
_entity.id
_entity.type
_entity.pdbx_description
1 polymer 'Heparan-alpha-glucosaminide N-acetyltransferase'
2 branched 2-acetamido-2-deoxy-beta-D-glucopyranose-(1-4)-2-acetamido-2-deoxy-beta-D-glucopyranose
3 non-polymer 2-acetamido-2-deoxy-beta-D-glucopyranose
4 non-polymer 'COENZYME A'
5 non-polymer '4-methyl-2-oxo-2H-1-benzopyran-7-yl 2-acetamido-2-deoxy-beta-D-glucopyranoside'
#
_entity_poly.entity_id   1
_entity_poly.type   'polypeptide(L)'
_entity_poly.pdbx_seq_one_letter_code
;MTGARASAAEQRRAGRSGQARAAERAAGMSGAGRALAALLLAASVLSAALLAPGGSSGRDAQAAPPRDLDKKRHAELKMD
QALLLIHNELLWTNLTVYWKSECCYHCLFQVLVNVPQSPKAGKPSAAAASVSTQHGSILQLNDTLEEKEVCRLEYRFGEF
GNYSLLVKNIHNGVSEIACDLAVNEDPVDSNLPVSIAFLIGLAVIIVISFLRLLLSLDDFNNWISKAISSRETDRLINSE
LGSPSRTDPLDGDVQPATWRLSALPPRLRSVDTFRGIALILMVFVNYGGGKYWYFKHASWNGLTVADLVFPWFVFIMGSS
IFLSMTSILQRGCSKFRLLGKIAWRSFLLICIGIIIVNPNYCLGPLSWDKVRIPGVLQRLGVTYFVVAVLELLFAKPVPE
HCASERSCLSLRDITSSWPQWLLILVLEGLWLGLTFLLPVPGCPTGYLGPGGIGDFGKYPNCTGGAAGYIDRLLLGDDHL
YQHPSSAVLYHTEVAYDPEGILGTINSIVMAFLGVQAGKILLYYKARTKDILIRFTAWCCILGLISVALTKVSENEGFIP
VNKNLWSLSYVTTLSSFAFFILLVLYPVVDVKGLWTGTPFFYPGMNSILVYVGHEVFENYFPFQWKLKDNQSHKEHLTQN
IVATALWVLIAYILYRKKIFWKI
;
_entity_poly.pdbx_strand_id   A,B
#
# COMPACT_ATOMS: atom_id res chain seq x y z
N HIS A 74 28.94 -14.47 -8.31
CA HIS A 74 29.80 -15.64 -8.26
C HIS A 74 30.54 -15.73 -6.93
N ALA A 75 30.30 -14.74 -6.07
CA ALA A 75 30.96 -14.66 -4.77
C ALA A 75 30.09 -13.80 -3.86
N GLU A 76 30.66 -13.35 -2.74
CA GLU A 76 29.96 -12.44 -1.84
C GLU A 76 29.69 -11.07 -2.44
N LEU A 77 30.08 -10.86 -3.70
CA LEU A 77 29.81 -9.60 -4.39
C LEU A 77 28.31 -9.43 -4.62
N LYS A 78 27.93 -8.21 -5.01
CA LYS A 78 26.51 -7.89 -5.14
C LYS A 78 26.34 -6.68 -6.05
N MET A 79 25.57 -6.85 -7.13
CA MET A 79 24.95 -5.75 -7.86
C MET A 79 26.01 -4.78 -8.41
N ASP A 80 26.74 -5.26 -9.41
CA ASP A 80 27.79 -4.49 -10.07
C ASP A 80 28.93 -4.18 -9.11
N GLN A 81 29.58 -5.23 -8.61
CA GLN A 81 30.67 -5.07 -7.66
C GLN A 81 31.70 -6.16 -7.92
N ALA A 82 32.90 -5.76 -8.34
CA ALA A 82 33.97 -6.69 -8.66
C ALA A 82 34.97 -6.73 -7.51
N LEU A 83 35.37 -7.94 -7.10
CA LEU A 83 36.31 -8.09 -6.00
C LEU A 83 37.72 -7.92 -6.53
N LEU A 84 38.47 -7.00 -5.93
CA LEU A 84 39.80 -6.63 -6.41
C LEU A 84 40.83 -6.97 -5.33
N LEU A 85 41.48 -8.13 -5.48
CA LEU A 85 42.60 -8.47 -4.61
C LEU A 85 43.79 -7.61 -4.99
N ILE A 86 44.50 -7.11 -3.98
CA ILE A 86 45.65 -6.25 -4.18
C ILE A 86 46.83 -6.83 -3.41
N HIS A 87 47.89 -7.20 -4.13
CA HIS A 87 49.06 -7.82 -3.55
C HIS A 87 50.14 -6.75 -3.36
N ASN A 88 50.37 -6.34 -2.12
CA ASN A 88 51.40 -5.35 -1.81
C ASN A 88 52.73 -6.08 -1.64
N GLU A 89 53.37 -6.35 -2.78
CA GLU A 89 54.64 -7.06 -2.78
C GLU A 89 55.80 -6.21 -2.28
N LEU A 90 55.60 -4.92 -2.09
CA LEU A 90 56.66 -4.05 -1.59
C LEU A 90 56.99 -4.40 -0.14
N LEU A 91 58.24 -4.13 0.24
CA LEU A 91 58.76 -4.59 1.53
C LEU A 91 58.44 -3.62 2.67
N TRP A 92 58.71 -2.34 2.50
CA TRP A 92 58.66 -1.37 3.59
C TRP A 92 57.91 -0.11 3.18
N THR A 93 56.73 -0.28 2.59
CA THR A 93 55.87 0.84 2.23
C THR A 93 54.46 0.59 2.72
N ASN A 94 53.96 1.48 3.57
CA ASN A 94 52.53 1.48 3.90
C ASN A 94 51.75 1.95 2.69
N LEU A 95 50.91 1.09 2.14
CA LEU A 95 50.18 1.38 0.91
C LEU A 95 48.68 1.49 1.20
N THR A 96 48.09 2.60 0.78
CA THR A 96 46.65 2.79 0.83
C THR A 96 46.12 2.89 -0.60
N VAL A 97 44.86 2.54 -0.77
CA VAL A 97 44.25 2.41 -2.09
C VAL A 97 43.07 3.38 -2.17
N TYR A 98 43.08 4.23 -3.18
CA TYR A 98 42.04 5.23 -3.38
C TYR A 98 41.25 4.90 -4.63
N TRP A 99 39.95 5.17 -4.59
CA TRP A 99 39.06 4.85 -5.71
C TRP A 99 38.12 6.01 -5.97
N LYS A 100 37.81 6.22 -7.25
CA LYS A 100 36.88 7.26 -7.66
C LYS A 100 36.29 6.88 -9.01
N SER A 101 34.96 6.90 -9.11
CA SER A 101 34.31 6.54 -10.35
C SER A 101 34.58 7.61 -11.42
N GLU A 102 34.49 7.18 -12.68
CA GLU A 102 34.65 8.12 -13.78
C GLU A 102 33.44 9.02 -13.96
N CYS A 103 32.31 8.66 -13.37
CA CYS A 103 31.12 9.50 -13.48
C CYS A 103 31.26 10.78 -12.66
N CYS A 104 32.01 10.74 -11.56
CA CYS A 104 32.24 11.93 -10.76
C CYS A 104 32.95 13.01 -11.56
N TYR A 105 32.44 14.24 -11.46
CA TYR A 105 33.07 15.36 -12.13
C TYR A 105 34.32 15.80 -11.39
N HIS A 106 34.16 16.23 -10.13
CA HIS A 106 35.28 16.59 -9.27
C HIS A 106 35.00 15.96 -7.90
N CYS A 107 35.47 14.74 -7.70
CA CYS A 107 35.19 13.98 -6.50
C CYS A 107 36.49 13.70 -5.75
N LEU A 108 36.39 13.64 -4.43
CA LEU A 108 37.52 13.22 -3.61
C LEU A 108 37.80 11.73 -3.82
N PHE A 109 39.05 11.36 -3.62
CA PHE A 109 39.47 9.96 -3.73
C PHE A 109 39.12 9.27 -2.42
N GLN A 110 38.04 8.50 -2.42
CA GLN A 110 37.63 7.78 -1.23
C GLN A 110 38.60 6.64 -0.93
N VAL A 111 38.74 6.34 0.36
CA VAL A 111 39.62 5.25 0.79
C VAL A 111 38.93 3.93 0.51
N LEU A 112 39.61 3.06 -0.23
CA LEU A 112 39.06 1.76 -0.61
C LEU A 112 39.56 0.64 0.29
N VAL A 113 40.89 0.48 0.38
CA VAL A 113 41.47 -0.57 1.21
C VAL A 113 42.88 -0.14 1.58
N ASN A 114 43.37 -0.67 2.70
CA ASN A 114 44.71 -0.37 3.21
C ASN A 114 45.53 -1.66 3.18
N VAL A 115 46.34 -1.83 2.15
CA VAL A 115 47.17 -3.01 1.99
C VAL A 115 48.48 -2.79 2.74
N PRO A 116 48.79 -3.57 3.77
CA PRO A 116 50.04 -3.37 4.51
C PRO A 116 51.25 -3.87 3.72
N GLN A 117 52.42 -3.47 4.19
CA GLN A 117 53.66 -3.89 3.56
C GLN A 117 53.90 -5.38 3.76
N SER A 118 54.51 -6.01 2.77
CA SER A 118 54.80 -7.43 2.85
C SER A 118 55.84 -7.69 3.93
N PRO A 119 55.65 -8.72 4.76
CA PRO A 119 56.65 -9.01 5.80
C PRO A 119 58.02 -9.36 5.24
N LYS A 120 58.08 -10.01 4.09
CA LYS A 120 59.35 -10.38 3.48
C LYS A 120 59.18 -10.49 1.98
N ALA A 121 60.30 -10.45 1.27
CA ALA A 121 60.28 -10.57 -0.18
C ALA A 121 59.83 -11.97 -0.59
N GLY A 122 58.99 -12.02 -1.63
CA GLY A 122 58.45 -13.27 -2.11
C GLY A 122 57.18 -13.71 -1.43
N LYS A 123 56.73 -13.01 -0.39
CA LYS A 123 55.49 -13.32 0.33
C LYS A 123 54.68 -12.05 0.43
N PRO A 124 54.02 -11.63 -0.65
CA PRO A 124 53.27 -10.37 -0.63
C PRO A 124 52.07 -10.46 0.30
N SER A 125 51.73 -9.31 0.89
CA SER A 125 50.55 -9.19 1.73
C SER A 125 49.38 -8.72 0.88
N ALA A 126 48.28 -9.46 0.93
CA ALA A 126 47.13 -9.22 0.08
C ALA A 126 45.90 -8.86 0.92
N ALA A 127 45.06 -8.00 0.36
CA ALA A 127 43.79 -7.62 0.96
C ALA A 127 42.71 -7.64 -0.10
N ALA A 128 41.47 -7.80 0.34
CA ALA A 128 40.33 -7.90 -0.55
C ALA A 128 39.53 -6.61 -0.51
N ALA A 129 39.29 -6.02 -1.68
CA ALA A 129 38.48 -4.83 -1.82
C ALA A 129 37.49 -5.02 -2.95
N SER A 130 36.31 -4.43 -2.80
CA SER A 130 35.23 -4.56 -3.77
C SER A 130 35.03 -3.22 -4.46
N VAL A 131 35.45 -3.14 -5.72
CA VAL A 131 35.32 -1.92 -6.51
C VAL A 131 33.94 -1.92 -7.18
N SER A 132 33.51 -0.73 -7.59
CA SER A 132 32.24 -0.61 -8.29
C SER A 132 32.41 -0.98 -9.77
N THR A 133 31.28 -1.11 -10.45
CA THR A 133 31.25 -1.55 -11.83
C THR A 133 30.36 -0.71 -12.72
N GLN A 134 29.36 0.00 -12.16
CA GLN A 134 28.33 0.66 -12.96
C GLN A 134 28.92 1.53 -14.06
N HIS A 135 29.90 2.37 -13.71
CA HIS A 135 30.55 3.22 -14.72
C HIS A 135 31.98 3.49 -14.27
N GLY A 136 32.91 2.70 -14.78
CA GLY A 136 34.33 2.97 -14.63
C GLY A 136 34.85 2.92 -13.21
N SER A 137 36.17 3.09 -13.07
CA SER A 137 36.83 3.17 -11.77
C SER A 137 38.23 3.71 -11.93
N ILE A 138 38.60 4.70 -11.12
CA ILE A 138 39.93 5.29 -11.15
C ILE A 138 40.60 4.98 -9.82
N LEU A 139 41.65 4.17 -9.86
CA LEU A 139 42.37 3.77 -8.66
C LEU A 139 43.67 4.56 -8.57
N GLN A 140 43.90 5.19 -7.43
CA GLN A 140 45.13 5.91 -7.15
C GLN A 140 45.84 5.23 -5.98
N LEU A 141 47.09 4.86 -6.19
CA LEU A 141 47.91 4.22 -5.17
C LEU A 141 49.00 5.19 -4.75
N ASN A 142 48.99 5.58 -3.48
CA ASN A 142 50.04 6.41 -2.93
C ASN A 142 50.46 5.86 -1.57
N ASP A 143 51.70 6.13 -1.19
CA ASP A 143 52.22 5.63 0.08
C ASP A 143 51.49 6.29 1.24
N THR A 144 51.09 5.48 2.22
CA THR A 144 50.38 6.02 3.37
C THR A 144 51.27 6.94 4.19
N LEU A 145 52.54 6.58 4.38
CA LEU A 145 53.46 7.38 5.17
C LEU A 145 54.16 8.44 4.32
N GLU A 146 54.74 8.04 3.20
CA GLU A 146 55.48 8.99 2.37
C GLU A 146 54.56 9.98 1.65
N GLU A 147 53.27 9.66 1.54
CA GLU A 147 52.30 10.52 0.85
C GLU A 147 52.74 10.84 -0.57
N LYS A 148 53.29 9.84 -1.26
CA LYS A 148 53.77 9.98 -2.62
C LYS A 148 53.07 8.95 -3.51
N GLU A 149 52.67 9.38 -4.69
CA GLU A 149 51.94 8.51 -5.60
C GLU A 149 52.82 7.36 -6.08
N VAL A 150 52.24 6.17 -6.11
CA VAL A 150 52.93 4.98 -6.58
C VAL A 150 52.59 4.77 -8.05
N CYS A 151 51.30 4.59 -8.34
CA CYS A 151 50.83 4.46 -9.72
C CYS A 151 49.32 4.68 -9.73
N ARG A 152 48.78 4.82 -10.94
CA ARG A 152 47.37 5.07 -11.13
C ARG A 152 46.79 4.11 -12.16
N LEU A 153 45.52 3.78 -11.99
CA LEU A 153 44.79 2.97 -12.95
C LEU A 153 43.42 3.57 -13.21
N GLU A 154 42.88 3.30 -14.40
CA GLU A 154 41.57 3.80 -14.82
C GLU A 154 40.77 2.67 -15.46
N TYR A 155 40.72 1.53 -14.79
CA TYR A 155 40.07 0.35 -15.37
C TYR A 155 38.55 0.48 -15.28
N ARG A 156 37.85 -0.50 -15.85
N ARG A 156 37.86 -0.41 -16.00
CA ARG A 156 36.38 -0.51 -15.97
CA ARG A 156 36.41 -0.54 -15.95
C ARG A 156 35.81 -1.84 -15.48
C ARG A 156 36.13 -1.97 -15.55
N PHE A 157 36.16 -2.21 -14.25
CA PHE A 157 35.92 -3.56 -13.72
C PHE A 157 34.49 -4.03 -13.99
N GLY A 158 34.37 -5.32 -14.35
CA GLY A 158 33.10 -5.91 -14.69
C GLY A 158 32.24 -6.19 -13.47
N GLU A 159 31.09 -6.83 -13.73
CA GLU A 159 30.08 -6.98 -12.70
C GLU A 159 30.58 -7.89 -11.57
N PHE A 160 31.08 -9.06 -11.91
CA PHE A 160 31.49 -10.05 -10.91
C PHE A 160 32.90 -10.54 -11.19
N GLY A 161 33.76 -9.67 -11.68
CA GLY A 161 35.12 -10.06 -11.99
C GLY A 161 35.94 -10.32 -10.74
N ASN A 162 37.05 -11.03 -10.94
CA ASN A 162 37.99 -11.38 -9.89
C ASN A 162 39.33 -10.72 -10.13
N TYR A 163 39.31 -9.44 -10.49
CA TYR A 163 40.53 -8.73 -10.83
C TYR A 163 41.51 -8.74 -9.66
N SER A 164 42.79 -8.92 -9.99
CA SER A 164 43.86 -8.91 -9.00
C SER A 164 44.90 -7.89 -9.41
N LEU A 165 45.30 -7.04 -8.47
CA LEU A 165 46.29 -6.00 -8.71
C LEU A 165 47.57 -6.35 -7.96
N LEU A 166 48.67 -6.46 -8.69
CA LEU A 166 49.98 -6.74 -8.12
C LEU A 166 50.86 -5.53 -8.30
N VAL A 167 51.40 -5.01 -7.20
CA VAL A 167 52.29 -3.86 -7.21
C VAL A 167 53.63 -4.30 -6.63
N LYS A 168 54.70 -4.10 -7.40
CA LYS A 168 56.03 -4.53 -6.98
C LYS A 168 57.06 -3.73 -7.74
N ASN A 169 58.28 -3.71 -7.20
CA ASN A 169 59.37 -3.00 -7.84
C ASN A 169 59.74 -3.69 -9.16
N ILE A 170 59.97 -2.87 -10.19
CA ILE A 170 60.30 -3.42 -11.51
C ILE A 170 61.80 -3.57 -11.72
N HIS A 171 62.62 -2.93 -10.90
CA HIS A 171 64.07 -3.03 -11.04
C HIS A 171 64.77 -2.70 -9.73
N GLU A 176 59.96 3.28 -11.31
CA GLU A 176 60.53 2.36 -10.35
C GLU A 176 59.50 1.33 -9.90
N ILE A 177 58.42 1.80 -9.29
CA ILE A 177 57.35 0.95 -8.78
C ILE A 177 56.18 1.00 -9.74
N ALA A 178 55.71 -0.15 -10.19
CA ALA A 178 54.60 -0.24 -11.12
C ALA A 178 53.60 -1.29 -10.64
N CYS A 179 52.35 -1.11 -11.05
CA CYS A 179 51.27 -2.01 -10.66
C CYS A 179 50.75 -2.74 -11.89
N ASP A 180 50.52 -4.05 -11.75
CA ASP A 180 50.00 -4.88 -12.81
C ASP A 180 48.63 -5.41 -12.42
N LEU A 181 47.66 -5.27 -13.33
CA LEU A 181 46.30 -5.71 -13.10
C LEU A 181 46.03 -6.95 -13.94
N ALA A 182 45.51 -8.00 -13.30
CA ALA A 182 45.21 -9.25 -13.96
C ALA A 182 43.77 -9.63 -13.73
N VAL A 183 43.16 -10.26 -14.73
CA VAL A 183 41.77 -10.66 -14.69
C VAL A 183 41.76 -12.15 -14.36
N ASN A 184 41.65 -12.48 -13.07
CA ASN A 184 41.64 -13.88 -12.66
C ASN A 184 40.42 -14.60 -13.21
N GLU A 185 39.25 -13.98 -13.13
CA GLU A 185 38.01 -14.55 -13.64
C GLU A 185 37.32 -13.55 -14.55
N ASP A 186 36.79 -14.03 -15.66
CA ASP A 186 36.12 -13.14 -16.60
C ASP A 186 34.85 -12.56 -15.97
N PRO A 187 34.52 -11.31 -16.29
CA PRO A 187 33.31 -10.72 -15.71
C PRO A 187 32.04 -11.30 -16.32
N VAL A 188 30.94 -11.16 -15.58
CA VAL A 188 29.63 -11.54 -16.10
C VAL A 188 29.25 -10.66 -17.29
N ASP A 189 29.83 -9.45 -17.37
CA ASP A 189 29.58 -8.50 -18.45
C ASP A 189 28.08 -8.14 -18.52
N SER A 190 27.65 -7.46 -17.48
CA SER A 190 26.26 -7.05 -17.36
C SER A 190 25.82 -6.23 -18.57
N ASN A 191 24.66 -6.59 -19.13
CA ASN A 191 24.04 -5.95 -20.28
C ASN A 191 24.77 -6.28 -21.57
N LEU A 192 25.93 -6.92 -21.47
CA LEU A 192 26.61 -7.49 -22.63
C LEU A 192 26.02 -8.86 -22.92
N PRO A 193 25.89 -9.71 -21.89
CA PRO A 193 25.33 -11.05 -22.11
C PRO A 193 23.86 -11.01 -22.51
N VAL A 194 23.04 -10.28 -21.76
CA VAL A 194 21.63 -10.18 -22.10
C VAL A 194 21.43 -9.39 -23.39
N SER A 195 22.18 -8.29 -23.55
CA SER A 195 22.12 -7.42 -24.72
C SER A 195 20.71 -7.23 -25.24
N ILE A 196 20.49 -7.57 -26.51
CA ILE A 196 19.16 -7.60 -27.08
C ILE A 196 18.65 -9.02 -27.29
N ALA A 197 19.54 -10.01 -27.34
CA ALA A 197 19.12 -11.39 -27.59
C ALA A 197 18.24 -11.91 -26.45
N PHE A 198 18.72 -11.78 -25.21
CA PHE A 198 17.93 -12.26 -24.08
C PHE A 198 16.65 -11.45 -23.91
N LEU A 199 16.70 -10.14 -24.21
CA LEU A 199 15.50 -9.31 -24.14
C LEU A 199 14.45 -9.80 -25.13
N ILE A 200 14.86 -10.07 -26.37
CA ILE A 200 13.92 -10.56 -27.38
C ILE A 200 13.39 -11.92 -26.99
N GLY A 201 14.26 -12.80 -26.48
CA GLY A 201 13.80 -14.12 -26.06
C GLY A 201 12.79 -14.06 -24.94
N LEU A 202 13.06 -13.23 -23.93
CA LEU A 202 12.13 -13.08 -22.82
C LEU A 202 10.81 -12.47 -23.28
N ALA A 203 10.86 -11.47 -24.16
CA ALA A 203 9.63 -10.87 -24.67
C ALA A 203 8.81 -11.90 -25.45
N VAL A 204 9.48 -12.70 -26.29
CA VAL A 204 8.77 -13.72 -27.06
C VAL A 204 8.15 -14.76 -26.13
N ILE A 205 8.90 -15.18 -25.10
CA ILE A 205 8.38 -16.16 -24.17
C ILE A 205 7.17 -15.62 -23.43
N ILE A 206 7.24 -14.38 -22.97
CA ILE A 206 6.11 -13.77 -22.25
C ILE A 206 4.91 -13.64 -23.16
N VAL A 207 5.12 -13.22 -24.40
CA VAL A 207 4.01 -13.07 -25.34
C VAL A 207 3.37 -14.42 -25.64
N ILE A 208 4.19 -15.46 -25.83
CA ILE A 208 3.66 -16.79 -26.09
C ILE A 208 2.86 -17.29 -24.89
N SER A 209 3.38 -17.08 -23.67
CA SER A 209 2.67 -17.51 -22.48
C SER A 209 1.33 -16.78 -22.35
N PHE A 210 1.33 -15.47 -22.58
CA PHE A 210 0.09 -14.71 -22.50
C PHE A 210 -0.92 -15.17 -23.54
N LEU A 211 -0.46 -15.41 -24.78
CA LEU A 211 -1.37 -15.89 -25.81
C LEU A 211 -1.93 -17.26 -25.49
N ARG A 212 -1.09 -18.15 -24.96
CA ARG A 212 -1.56 -19.48 -24.58
C ARG A 212 -2.57 -19.39 -23.44
N LEU A 213 -2.33 -18.53 -22.46
CA LEU A 213 -3.28 -18.35 -21.37
C LEU A 213 -4.60 -17.79 -21.88
N LEU A 214 -4.54 -16.83 -22.80
CA LEU A 214 -5.77 -16.26 -23.35
C LEU A 214 -6.55 -17.29 -24.16
N LEU A 215 -5.85 -18.11 -24.94
CA LEU A 215 -6.53 -19.13 -25.73
C LEU A 215 -7.13 -20.22 -24.86
N SER A 216 -6.39 -20.67 -23.84
CA SER A 216 -6.88 -21.71 -22.95
C SER A 216 -7.91 -21.20 -21.95
N LEU A 217 -7.97 -19.88 -21.74
CA LEU A 217 -8.99 -19.34 -20.84
C LEU A 217 -10.39 -19.58 -21.39
N ASP A 218 -10.57 -19.43 -22.70
CA ASP A 218 -11.86 -19.68 -23.32
C ASP A 218 -12.18 -21.17 -23.40
N ASP A 219 -11.18 -22.03 -23.24
CA ASP A 219 -11.43 -23.47 -23.26
C ASP A 219 -12.32 -23.90 -22.10
N PHE A 220 -12.09 -23.34 -20.91
CA PHE A 220 -12.91 -23.66 -19.76
C PHE A 220 -14.36 -23.23 -19.98
N ASN A 221 -14.55 -22.02 -20.53
CA ASN A 221 -15.90 -21.55 -20.82
C ASN A 221 -16.58 -22.41 -21.88
N ASN A 222 -15.83 -22.81 -22.92
CA ASN A 222 -16.39 -23.66 -23.96
C ASN A 222 -16.66 -25.07 -23.48
N TRP A 223 -15.95 -25.52 -22.44
CA TRP A 223 -16.21 -26.85 -21.89
C TRP A 223 -17.63 -26.95 -21.34
N ILE A 224 -18.08 -25.91 -20.63
CA ILE A 224 -19.46 -25.90 -20.14
C ILE A 224 -20.43 -25.85 -21.30
N SER A 225 -20.16 -25.01 -22.30
CA SER A 225 -21.04 -24.94 -23.47
C SER A 225 -21.06 -26.26 -24.23
N LYS A 226 -19.90 -26.89 -24.40
CA LYS A 226 -19.86 -28.19 -25.06
C LYS A 226 -20.58 -29.26 -24.26
N ALA A 227 -20.42 -29.24 -22.93
CA ALA A 227 -21.10 -30.22 -22.09
C ALA A 227 -22.62 -30.04 -22.15
N ILE A 228 -23.09 -28.80 -22.10
CA ILE A 228 -24.52 -28.52 -22.17
C ILE A 228 -24.76 -27.12 -22.71
N PRO A 265 -14.81 17.15 -30.85
CA PRO A 265 -13.38 17.20 -30.53
C PRO A 265 -12.90 15.92 -29.87
N PRO A 266 -12.59 14.90 -30.68
CA PRO A 266 -12.10 13.64 -30.12
C PRO A 266 -10.71 13.79 -29.52
N ARG A 267 -10.40 12.91 -28.57
CA ARG A 267 -9.10 12.93 -27.94
C ARG A 267 -8.01 12.63 -28.97
N LEU A 268 -6.95 13.44 -28.97
CA LEU A 268 -5.84 13.22 -29.88
C LEU A 268 -5.09 11.96 -29.48
N ARG A 269 -4.71 11.16 -30.48
CA ARG A 269 -4.10 9.88 -30.23
C ARG A 269 -2.58 9.94 -30.17
N SER A 270 -1.95 10.90 -30.86
CA SER A 270 -0.51 11.05 -30.75
C SER A 270 -0.10 11.45 -29.34
N VAL A 271 -0.86 12.37 -28.72
CA VAL A 271 -0.58 12.75 -27.33
C VAL A 271 -0.81 11.57 -26.40
N ASP A 272 -1.85 10.77 -26.66
CA ASP A 272 -2.10 9.59 -25.85
C ASP A 272 -0.95 8.59 -25.96
N THR A 273 -0.44 8.38 -27.16
CA THR A 273 0.69 7.47 -27.34
C THR A 273 1.95 8.01 -26.67
N PHE A 274 2.18 9.32 -26.76
CA PHE A 274 3.33 9.92 -26.09
C PHE A 274 3.23 9.72 -24.58
N ARG A 275 2.05 9.99 -24.01
CA ARG A 275 1.88 9.80 -22.57
C ARG A 275 1.97 8.35 -22.18
N GLY A 276 1.51 7.43 -23.04
CA GLY A 276 1.66 6.02 -22.75
C GLY A 276 3.10 5.56 -22.76
N ILE A 277 3.89 6.06 -23.71
CA ILE A 277 5.31 5.75 -23.74
C ILE A 277 5.98 6.26 -22.47
N ALA A 278 5.68 7.51 -22.10
CA ALA A 278 6.25 8.07 -20.88
C ALA A 278 5.82 7.28 -19.65
N LEU A 279 4.57 6.84 -19.62
CA LEU A 279 4.07 6.10 -18.47
C LEU A 279 4.70 4.72 -18.36
N ILE A 280 4.87 4.03 -19.50
CA ILE A 280 5.53 2.72 -19.48
C ILE A 280 6.96 2.86 -19.01
N LEU A 281 7.67 3.86 -19.55
CA LEU A 281 9.05 4.07 -19.12
C LEU A 281 9.12 4.44 -17.65
N MET A 282 8.17 5.24 -17.17
CA MET A 282 8.16 5.63 -15.75
C MET A 282 7.90 4.43 -14.86
N VAL A 283 6.95 3.57 -15.24
CA VAL A 283 6.67 2.38 -14.43
C VAL A 283 7.89 1.46 -14.43
N PHE A 284 8.59 1.36 -15.56
CA PHE A 284 9.77 0.52 -15.61
C PHE A 284 10.90 1.06 -14.72
N VAL A 285 11.19 2.36 -14.83
CA VAL A 285 12.33 2.91 -14.11
C VAL A 285 12.02 3.21 -12.65
N ASN A 286 10.74 3.31 -12.28
CA ASN A 286 10.39 3.52 -10.87
C ASN A 286 10.54 2.22 -10.08
N TYR A 287 10.17 1.10 -10.70
CA TYR A 287 10.34 -0.20 -10.05
C TYR A 287 11.80 -0.61 -9.97
N GLY A 288 12.68 0.04 -10.73
CA GLY A 288 14.09 -0.25 -10.67
C GLY A 288 14.72 -0.34 -12.04
N GLY A 289 13.96 -0.85 -13.02
CA GLY A 289 14.50 -1.03 -14.35
C GLY A 289 15.65 -2.01 -14.38
N GLY A 290 15.55 -3.09 -13.62
CA GLY A 290 16.65 -4.02 -13.49
C GLY A 290 17.77 -3.54 -12.59
N LYS A 291 17.57 -2.43 -11.88
CA LYS A 291 18.58 -1.80 -11.05
C LYS A 291 19.81 -1.38 -11.85
N TYR A 292 19.67 -1.26 -13.17
CA TYR A 292 20.75 -0.78 -14.00
C TYR A 292 21.00 0.70 -13.73
N TRP A 293 22.24 1.12 -13.92
CA TRP A 293 22.59 2.51 -13.63
C TRP A 293 21.99 3.48 -14.64
N TYR A 294 21.85 3.06 -15.91
CA TYR A 294 21.28 3.95 -16.91
C TYR A 294 19.76 3.96 -16.89
N PHE A 295 19.12 2.99 -16.23
CA PHE A 295 17.68 3.03 -16.02
C PHE A 295 17.31 3.66 -14.69
N LYS A 296 18.29 4.13 -13.93
CA LYS A 296 18.07 4.88 -12.71
C LYS A 296 18.29 6.37 -13.01
N HIS A 297 18.24 7.19 -11.97
CA HIS A 297 18.44 8.62 -12.14
C HIS A 297 19.92 8.96 -12.19
N ALA A 298 20.25 9.96 -12.99
CA ALA A 298 21.60 10.49 -13.00
C ALA A 298 21.95 11.03 -11.63
N SER A 299 23.21 10.84 -11.22
CA SER A 299 23.62 11.21 -9.87
C SER A 299 23.36 12.68 -9.60
N TRP A 300 24.08 13.57 -10.28
CA TRP A 300 23.73 14.98 -10.26
C TRP A 300 23.43 15.53 -11.65
N ASN A 301 24.34 15.38 -12.60
CA ASN A 301 24.20 15.97 -13.92
C ASN A 301 24.04 14.87 -14.96
N GLY A 302 23.82 15.28 -16.20
CA GLY A 302 23.65 14.34 -17.28
C GLY A 302 22.22 13.85 -17.39
N LEU A 303 22.01 13.01 -18.42
CA LEU A 303 20.69 12.53 -18.77
C LEU A 303 20.70 11.02 -18.82
N THR A 304 19.71 10.39 -18.20
CA THR A 304 19.53 8.95 -18.22
C THR A 304 18.11 8.64 -18.67
N VAL A 305 17.81 7.35 -18.81
CA VAL A 305 16.48 6.95 -19.28
C VAL A 305 15.41 7.30 -18.26
N ALA A 306 15.75 7.24 -16.97
CA ALA A 306 14.78 7.56 -15.93
C ALA A 306 14.53 9.05 -15.79
N ASP A 307 15.45 9.90 -16.27
CA ASP A 307 15.31 11.34 -16.15
C ASP A 307 14.41 11.95 -17.21
N LEU A 308 13.99 11.17 -18.21
CA LEU A 308 13.24 11.70 -19.34
C LEU A 308 11.74 11.80 -19.09
N VAL A 309 11.17 10.89 -18.30
CA VAL A 309 9.73 10.71 -18.28
C VAL A 309 9.03 11.91 -17.66
N PHE A 310 9.52 12.39 -16.51
CA PHE A 310 8.83 13.46 -15.80
C PHE A 310 8.74 14.75 -16.60
N PRO A 311 9.82 15.25 -17.21
CA PRO A 311 9.64 16.41 -18.10
C PRO A 311 8.68 16.15 -19.24
N TRP A 312 8.68 14.94 -19.78
CA TRP A 312 7.69 14.59 -20.80
C TRP A 312 6.28 14.64 -20.22
N PHE A 313 6.12 14.23 -18.96
CA PHE A 313 4.80 14.30 -18.33
C PHE A 313 4.35 15.73 -18.16
N VAL A 314 5.26 16.64 -17.78
CA VAL A 314 4.90 18.04 -17.66
C VAL A 314 4.57 18.62 -19.04
N PHE A 315 5.34 18.24 -20.06
CA PHE A 315 5.07 18.72 -21.42
C PHE A 315 3.70 18.27 -21.90
N ILE A 316 3.37 16.99 -21.73
CA ILE A 316 2.07 16.47 -22.12
C ILE A 316 0.97 17.09 -21.26
N MET A 317 1.26 17.38 -19.99
CA MET A 317 0.28 18.05 -19.15
C MET A 317 -0.05 19.43 -19.71
N GLY A 318 0.96 20.17 -20.14
CA GLY A 318 0.69 21.47 -20.75
C GLY A 318 -0.07 21.38 -22.07
N SER A 319 0.32 20.42 -22.91
CA SER A 319 -0.39 20.22 -24.17
C SER A 319 -1.87 19.89 -23.92
N SER A 320 -2.12 18.98 -22.98
CA SER A 320 -3.49 18.63 -22.63
C SER A 320 -4.21 19.79 -21.96
N ILE A 321 -3.47 20.64 -21.23
CA ILE A 321 -4.07 21.84 -20.65
C ILE A 321 -4.65 22.72 -21.75
N PHE A 322 -3.84 22.99 -22.78
CA PHE A 322 -4.35 23.83 -23.87
C PHE A 322 -5.49 23.14 -24.60
N LEU A 323 -5.35 21.85 -24.88
CA LEU A 323 -6.41 21.13 -25.61
C LEU A 323 -7.72 21.18 -24.86
N SER A 324 -7.71 20.80 -23.58
CA SER A 324 -8.93 20.81 -22.77
C SER A 324 -9.48 22.21 -22.60
N MET A 325 -8.60 23.20 -22.38
CA MET A 325 -9.06 24.56 -22.22
C MET A 325 -9.82 25.03 -23.44
N THR A 326 -9.23 24.87 -24.63
CA THR A 326 -9.86 25.39 -25.82
C THR A 326 -11.12 24.59 -26.17
N SER A 327 -11.11 23.27 -25.93
CA SER A 327 -12.31 22.49 -26.20
C SER A 327 -13.46 22.93 -25.30
N ILE A 328 -13.19 23.10 -24.00
CA ILE A 328 -14.23 23.49 -23.07
C ILE A 328 -14.73 24.91 -23.37
N LEU A 329 -13.80 25.82 -23.69
CA LEU A 329 -14.21 27.20 -23.97
C LEU A 329 -15.03 27.28 -25.26
N GLN A 330 -14.64 26.53 -26.30
CA GLN A 330 -15.43 26.52 -27.52
C GLN A 330 -16.74 25.76 -27.35
N ARG A 331 -16.84 24.91 -26.34
CA ARG A 331 -18.12 24.27 -26.02
C ARG A 331 -19.11 25.24 -25.41
N GLY A 332 -18.69 26.45 -25.05
CA GLY A 332 -19.59 27.42 -24.46
C GLY A 332 -19.66 27.33 -22.95
N CYS A 333 -18.50 27.40 -22.30
CA CYS A 333 -18.42 27.34 -20.85
C CYS A 333 -17.71 28.59 -20.33
N SER A 334 -18.23 29.14 -19.23
CA SER A 334 -17.66 30.35 -18.66
C SER A 334 -16.28 30.08 -18.10
N LYS A 335 -15.44 31.12 -18.12
CA LYS A 335 -14.09 30.99 -17.57
C LYS A 335 -14.10 30.83 -16.06
N PHE A 336 -15.15 31.31 -15.39
CA PHE A 336 -15.20 31.24 -13.94
C PHE A 336 -15.49 29.84 -13.43
N ARG A 337 -16.07 28.97 -14.28
CA ARG A 337 -16.23 27.57 -13.92
C ARG A 337 -15.01 26.75 -14.27
N LEU A 338 -14.36 27.06 -15.39
CA LEU A 338 -13.11 26.40 -15.73
C LEU A 338 -12.01 26.76 -14.74
N LEU A 339 -12.04 27.96 -14.18
CA LEU A 339 -11.11 28.31 -13.12
C LEU A 339 -11.32 27.45 -11.89
N GLY A 340 -12.58 27.22 -11.51
CA GLY A 340 -12.86 26.33 -10.40
C GLY A 340 -12.39 24.91 -10.68
N LYS A 341 -12.61 24.44 -11.91
CA LYS A 341 -12.13 23.11 -12.28
C LYS A 341 -10.62 23.02 -12.18
N ILE A 342 -9.91 24.04 -12.67
CA ILE A 342 -8.46 24.04 -12.63
C ILE A 342 -7.95 24.04 -11.19
N ALA A 343 -8.54 24.91 -10.35
CA ALA A 343 -8.11 24.99 -8.96
C ALA A 343 -8.38 23.69 -8.22
N TRP A 344 -9.56 23.09 -8.44
CA TRP A 344 -9.86 21.83 -7.77
C TRP A 344 -8.95 20.71 -8.24
N ARG A 345 -8.64 20.66 -9.54
CA ARG A 345 -7.75 19.63 -10.04
C ARG A 345 -6.34 19.78 -9.47
N SER A 346 -5.83 21.01 -9.40
CA SER A 346 -4.51 21.22 -8.81
C SER A 346 -4.50 20.87 -7.33
N PHE A 347 -5.54 21.26 -6.60
CA PHE A 347 -5.62 20.93 -5.18
C PHE A 347 -5.69 19.42 -4.97
N LEU A 348 -6.47 18.72 -5.80
CA LEU A 348 -6.56 17.28 -5.70
C LEU A 348 -5.23 16.61 -6.02
N LEU A 349 -4.51 17.12 -7.03
CA LEU A 349 -3.20 16.59 -7.33
C LEU A 349 -2.25 16.75 -6.15
N ILE A 350 -2.23 17.95 -5.56
CA ILE A 350 -1.33 18.20 -4.43
C ILE A 350 -1.66 17.29 -3.26
N CYS A 351 -2.96 17.20 -2.92
CA CYS A 351 -3.36 16.38 -1.77
C CYS A 351 -3.10 14.90 -2.03
N ILE A 352 -3.42 14.42 -3.23
CA ILE A 352 -3.17 13.02 -3.56
C ILE A 352 -1.68 12.71 -3.43
N GLY A 353 -0.84 13.58 -3.98
CA GLY A 353 0.59 13.34 -3.87
C GLY A 353 1.06 13.31 -2.44
N ILE A 354 0.70 14.34 -1.65
CA ILE A 354 1.20 14.43 -0.28
C ILE A 354 0.72 13.26 0.56
N ILE A 355 -0.54 12.85 0.38
CA ILE A 355 -1.11 11.84 1.25
C ILE A 355 -0.70 10.44 0.82
N ILE A 356 -0.76 10.14 -0.46
CA ILE A 356 -0.62 8.78 -0.96
C ILE A 356 0.78 8.54 -1.54
N VAL A 357 1.29 9.47 -2.34
CA VAL A 357 2.45 9.18 -3.16
C VAL A 357 3.75 9.39 -2.38
N ASN A 358 3.91 10.55 -1.77
CA ASN A 358 5.19 10.90 -1.15
C ASN A 358 5.59 9.98 0.00
N PRO A 359 4.75 9.72 1.01
CA PRO A 359 5.24 8.97 2.17
C PRO A 359 5.31 7.47 1.91
N ASN A 360 6.29 6.85 2.55
CA ASN A 360 6.41 5.40 2.58
C ASN A 360 5.80 4.94 3.90
N TYR A 361 4.58 4.42 3.84
CA TYR A 361 3.85 4.04 5.04
C TYR A 361 4.26 2.69 5.60
N CYS A 362 5.08 1.93 4.87
CA CYS A 362 5.62 0.69 5.43
C CYS A 362 6.56 0.98 6.60
N LEU A 363 7.20 2.15 6.60
CA LEU A 363 8.10 2.49 7.70
C LEU A 363 7.33 2.81 8.98
N GLY A 364 6.17 3.45 8.86
CA GLY A 364 5.38 3.78 10.02
C GLY A 364 4.30 4.81 9.72
N PRO A 365 3.53 5.18 10.74
CA PRO A 365 2.48 6.18 10.54
C PRO A 365 3.07 7.55 10.21
N LEU A 366 2.28 8.34 9.48
CA LEU A 366 2.74 9.64 9.03
C LEU A 366 2.74 10.63 10.18
N SER A 367 3.86 11.35 10.33
CA SER A 367 4.01 12.40 11.32
C SER A 367 4.42 13.69 10.63
N TRP A 368 3.82 14.81 11.05
CA TRP A 368 4.07 16.08 10.37
C TRP A 368 5.51 16.52 10.51
N ASP A 369 6.21 16.07 11.56
CA ASP A 369 7.60 16.43 11.73
C ASP A 369 8.50 15.86 10.63
N LYS A 370 8.03 14.83 9.92
CA LYS A 370 8.80 14.19 8.86
C LYS A 370 7.91 13.97 7.64
N VAL A 371 7.14 14.99 7.27
CA VAL A 371 6.29 14.95 6.09
C VAL A 371 7.02 15.64 4.95
N ARG A 372 7.17 14.94 3.83
CA ARG A 372 7.84 15.50 2.65
C ARG A 372 6.80 16.28 1.86
N ILE A 373 6.78 17.60 2.06
CA ILE A 373 5.76 18.44 1.42
C ILE A 373 5.85 18.41 -0.10
N PRO A 374 7.00 18.63 -0.73
CA PRO A 374 7.05 18.61 -2.19
C PRO A 374 7.04 17.19 -2.73
N GLY A 375 6.84 17.08 -4.04
CA GLY A 375 6.80 15.78 -4.68
C GLY A 375 6.47 15.91 -6.14
N VAL A 376 6.31 14.75 -6.79
CA VAL A 376 5.98 14.74 -8.22
C VAL A 376 4.61 15.35 -8.45
N LEU A 377 3.61 14.89 -7.71
CA LEU A 377 2.25 15.39 -7.91
C LEU A 377 2.07 16.79 -7.35
N GLN A 378 2.81 17.16 -6.30
CA GLN A 378 2.77 18.54 -5.84
C GLN A 378 3.26 19.49 -6.93
N ARG A 379 4.39 19.15 -7.55
CA ARG A 379 4.90 19.96 -8.64
C ARG A 379 3.94 19.98 -9.82
N LEU A 380 3.37 18.82 -10.16
CA LEU A 380 2.42 18.77 -11.26
C LEU A 380 1.21 19.65 -10.98
N GLY A 381 0.67 19.58 -9.76
CA GLY A 381 -0.48 20.40 -9.42
C GLY A 381 -0.18 21.88 -9.42
N VAL A 382 0.95 22.28 -8.83
CA VAL A 382 1.30 23.70 -8.78
C VAL A 382 1.50 24.25 -10.19
N THR A 383 2.27 23.53 -11.01
CA THR A 383 2.51 23.99 -12.37
C THR A 383 1.24 23.98 -13.20
N TYR A 384 0.39 22.96 -13.01
CA TYR A 384 -0.89 22.92 -13.71
C TYR A 384 -1.73 24.13 -13.36
N PHE A 385 -1.84 24.44 -12.07
CA PHE A 385 -2.59 25.62 -11.66
C PHE A 385 -2.03 26.87 -12.29
N VAL A 386 -0.71 27.07 -12.20
CA VAL A 386 -0.12 28.32 -12.67
C VAL A 386 -0.33 28.49 -14.17
N VAL A 387 0.04 27.46 -14.95
CA VAL A 387 -0.03 27.61 -16.41
C VAL A 387 -1.47 27.61 -16.90
N ALA A 388 -2.35 26.82 -16.28
CA ALA A 388 -3.75 26.80 -16.71
C ALA A 388 -4.44 28.12 -16.37
N VAL A 389 -4.13 28.71 -15.21
CA VAL A 389 -4.69 30.01 -14.88
C VAL A 389 -4.15 31.07 -15.82
N LEU A 390 -2.87 30.98 -16.19
CA LEU A 390 -2.32 31.89 -17.19
C LEU A 390 -3.07 31.79 -18.51
N GLU A 391 -3.26 30.57 -18.99
CA GLU A 391 -3.96 30.36 -20.26
C GLU A 391 -5.40 30.83 -20.18
N LEU A 392 -6.06 30.59 -19.04
CA LEU A 392 -7.42 31.09 -18.85
C LEU A 392 -7.47 32.62 -18.87
N LEU A 393 -6.50 33.26 -18.21
CA LEU A 393 -6.45 34.72 -18.20
C LEU A 393 -6.29 35.27 -19.61
N PHE A 394 -5.39 34.68 -20.39
CA PHE A 394 -5.20 35.09 -21.79
C PHE A 394 -5.60 33.91 -22.67
N ALA A 395 -6.89 33.80 -22.99
CA ALA A 395 -7.44 32.70 -23.76
C ALA A 395 -8.07 33.27 -25.02
N LYS A 396 -7.26 33.44 -26.06
CA LYS A 396 -7.80 33.86 -27.35
C LYS A 396 -8.49 32.68 -28.04
N PRO A 397 -9.64 32.91 -28.67
CA PRO A 397 -10.27 31.84 -29.45
C PRO A 397 -9.38 31.41 -30.60
N VAL A 398 -9.42 30.12 -30.92
CA VAL A 398 -8.58 29.55 -31.96
C VAL A 398 -9.13 29.97 -33.33
N PRO A 399 -8.33 30.61 -34.17
CA PRO A 399 -8.83 31.10 -35.46
C PRO A 399 -8.67 30.08 -36.57
N GLU A 400 -9.50 30.25 -37.60
CA GLU A 400 -9.41 29.42 -38.79
C GLU A 400 -8.18 29.81 -39.61
N HIS A 401 -7.67 28.85 -40.37
CA HIS A 401 -6.47 29.07 -41.15
C HIS A 401 -6.75 29.99 -42.34
N CYS A 402 -5.67 30.39 -43.01
CA CYS A 402 -5.74 31.31 -44.14
C CYS A 402 -6.10 30.63 -45.45
N ALA A 403 -6.67 29.43 -45.39
CA ALA A 403 -7.16 28.65 -46.53
C ALA A 403 -6.04 28.17 -47.45
N SER A 404 -4.78 28.50 -47.16
CA SER A 404 -3.65 28.00 -47.94
C SER A 404 -3.16 26.67 -47.38
N GLU A 405 -2.76 26.67 -46.11
CA GLU A 405 -2.40 25.47 -45.36
C GLU A 405 -1.25 24.70 -45.99
N ARG A 406 -0.45 25.34 -46.84
CA ARG A 406 0.66 24.66 -47.49
C ARG A 406 1.98 24.91 -46.76
N SER A 407 2.49 26.14 -46.83
CA SER A 407 3.75 26.48 -46.19
C SER A 407 3.62 27.83 -45.49
N CYS A 408 2.50 28.01 -44.78
CA CYS A 408 2.24 29.29 -44.13
C CYS A 408 3.30 29.61 -43.10
N LEU A 409 3.82 30.84 -43.13
CA LEU A 409 4.84 31.29 -42.23
C LEU A 409 4.28 32.13 -41.09
N SER A 410 2.97 32.32 -41.03
CA SER A 410 2.37 33.18 -40.03
C SER A 410 2.65 32.65 -38.63
N LEU A 411 3.10 33.54 -37.75
CA LEU A 411 3.39 33.20 -36.35
C LEU A 411 2.25 33.63 -35.43
N ARG A 412 1.01 33.52 -35.90
CA ARG A 412 -0.13 33.90 -35.06
C ARG A 412 -0.19 33.09 -33.78
N ASP A 413 0.41 31.89 -33.77
CA ASP A 413 0.43 31.08 -32.57
C ASP A 413 1.16 31.79 -31.44
N ILE A 414 2.30 32.41 -31.74
CA ILE A 414 3.07 33.11 -30.73
C ILE A 414 2.59 34.55 -30.51
N THR A 415 2.14 35.22 -31.57
CA THR A 415 1.63 36.58 -31.41
C THR A 415 0.29 36.62 -30.72
N SER A 416 -0.43 35.50 -30.66
CA SER A 416 -1.66 35.41 -29.90
C SER A 416 -1.44 35.00 -28.46
N SER A 417 -0.20 34.65 -28.09
CA SER A 417 0.11 34.24 -26.72
C SER A 417 1.30 35.00 -26.15
N TRP A 418 1.73 36.08 -26.80
CA TRP A 418 2.82 36.94 -26.32
C TRP A 418 2.74 37.36 -24.86
N PRO A 419 1.57 37.58 -24.24
CA PRO A 419 1.59 37.88 -22.80
C PRO A 419 2.06 36.69 -21.97
N GLN A 420 1.57 35.49 -22.29
CA GLN A 420 2.04 34.29 -21.61
C GLN A 420 3.54 34.09 -21.81
N TRP A 421 4.03 34.31 -23.02
CA TRP A 421 5.46 34.18 -23.29
C TRP A 421 6.26 35.20 -22.49
N LEU A 422 5.76 36.44 -22.41
CA LEU A 422 6.46 37.46 -21.64
C LEU A 422 6.55 37.08 -20.17
N LEU A 423 5.44 36.60 -19.60
CA LEU A 423 5.49 36.22 -18.19
C LEU A 423 6.36 34.99 -17.97
N ILE A 424 6.37 34.05 -18.91
CA ILE A 424 7.21 32.86 -18.78
C ILE A 424 8.68 33.24 -18.85
N LEU A 425 9.04 34.17 -19.74
CA LEU A 425 10.42 34.65 -19.79
C LEU A 425 10.79 35.40 -18.53
N VAL A 426 9.85 36.16 -17.96
CA VAL A 426 10.11 36.82 -16.68
C VAL A 426 10.36 35.80 -15.59
N LEU A 427 9.56 34.74 -15.56
CA LEU A 427 9.76 33.67 -14.57
C LEU A 427 11.11 32.99 -14.77
N GLU A 428 11.49 32.74 -16.03
CA GLU A 428 12.78 32.11 -16.29
C GLU A 428 13.93 33.02 -15.86
N GLY A 429 13.79 34.33 -16.09
CA GLY A 429 14.79 35.26 -15.59
C GLY A 429 14.86 35.26 -14.07
N LEU A 430 13.70 35.12 -13.43
CA LEU A 430 13.68 35.01 -11.97
C LEU A 430 14.42 33.75 -11.51
N TRP A 431 14.20 32.63 -12.21
CA TRP A 431 14.89 31.40 -11.86
C TRP A 431 16.40 31.55 -12.03
N LEU A 432 16.84 32.15 -13.14
CA LEU A 432 18.25 32.35 -13.36
C LEU A 432 18.85 33.26 -12.30
N GLY A 433 18.15 34.35 -11.97
CA GLY A 433 18.65 35.26 -10.96
C GLY A 433 18.74 34.61 -9.59
N LEU A 434 17.73 33.81 -9.23
CA LEU A 434 17.77 33.13 -7.94
C LEU A 434 18.85 32.06 -7.90
N THR A 435 19.09 31.38 -9.03
CA THR A 435 20.08 30.31 -9.04
C THR A 435 21.50 30.86 -9.01
N PHE A 436 21.78 31.93 -9.76
CA PHE A 436 23.13 32.42 -9.93
C PHE A 436 23.47 33.64 -9.08
N LEU A 437 22.50 34.25 -8.41
CA LEU A 437 22.73 35.51 -7.72
C LEU A 437 22.03 35.56 -6.36
N LEU A 438 21.87 34.41 -5.70
CA LEU A 438 21.29 34.39 -4.36
C LEU A 438 22.32 33.92 -3.36
N PRO A 439 22.96 34.82 -2.61
CA PRO A 439 23.92 34.40 -1.59
C PRO A 439 23.41 33.32 -0.66
N VAL A 440 24.00 32.13 -0.75
CA VAL A 440 23.68 31.02 0.14
C VAL A 440 24.71 30.99 1.25
N PRO A 441 24.32 31.09 2.52
CA PRO A 441 25.31 31.11 3.60
C PRO A 441 26.11 29.81 3.62
N GLY A 442 27.41 29.95 3.82
CA GLY A 442 28.31 28.80 3.79
C GLY A 442 28.31 28.08 2.46
N CYS A 443 28.25 28.82 1.35
CA CYS A 443 28.18 28.23 0.03
C CYS A 443 28.50 29.28 -1.01
N PRO A 444 29.22 28.95 -2.08
CA PRO A 444 29.46 29.93 -3.13
C PRO A 444 28.17 30.35 -3.79
N THR A 445 28.10 31.63 -4.16
CA THR A 445 26.95 32.14 -4.89
C THR A 445 26.89 31.52 -6.28
N GLY A 446 25.68 31.17 -6.70
CA GLY A 446 25.50 30.52 -7.99
C GLY A 446 26.07 29.12 -8.07
N TYR A 447 25.88 28.32 -7.03
CA TYR A 447 26.38 26.95 -7.00
C TYR A 447 25.42 26.03 -7.73
N LEU A 448 25.97 25.14 -8.55
CA LEU A 448 25.19 24.12 -9.25
C LEU A 448 25.70 22.71 -8.99
N GLY A 449 26.73 22.55 -8.18
CA GLY A 449 27.33 21.25 -7.98
C GLY A 449 26.53 20.38 -7.03
N PRO A 450 26.99 19.14 -6.85
CA PRO A 450 26.25 18.18 -6.03
C PRO A 450 26.58 18.20 -4.55
N GLY A 451 27.64 18.89 -4.14
CA GLY A 451 27.98 18.86 -2.74
C GLY A 451 28.60 17.53 -2.35
N GLY A 452 28.53 17.23 -1.05
CA GLY A 452 29.09 16.00 -0.54
C GLY A 452 30.59 15.93 -0.77
N ILE A 453 31.00 15.05 -1.69
CA ILE A 453 32.38 15.01 -2.14
C ILE A 453 32.56 15.63 -3.51
N GLY A 454 31.48 16.13 -4.12
CA GLY A 454 31.59 16.81 -5.40
C GLY A 454 32.31 18.13 -5.27
N ASP A 455 32.82 18.60 -6.41
CA ASP A 455 33.65 19.80 -6.47
C ASP A 455 34.82 19.71 -5.49
N PHE A 456 35.44 18.52 -5.44
CA PHE A 456 36.57 18.19 -4.58
C PHE A 456 36.23 18.22 -3.09
N GLY A 457 34.94 18.24 -2.75
CA GLY A 457 34.51 18.13 -1.38
C GLY A 457 34.58 19.41 -0.56
N LYS A 458 34.94 20.54 -1.18
CA LYS A 458 35.06 21.77 -0.41
C LYS A 458 33.71 22.35 0.01
N TYR A 459 32.61 21.86 -0.55
CA TYR A 459 31.26 22.25 -0.15
C TYR A 459 30.47 20.98 0.13
N PRO A 460 30.63 20.39 1.31
CA PRO A 460 29.93 19.12 1.57
C PRO A 460 28.44 19.28 1.81
N ASN A 461 28.04 20.26 2.61
CA ASN A 461 26.62 20.51 2.87
C ASN A 461 26.09 21.61 1.96
N CYS A 462 26.20 21.36 0.65
CA CYS A 462 25.82 22.37 -0.33
C CYS A 462 25.13 21.76 -1.54
N THR A 463 24.40 20.67 -1.36
CA THR A 463 23.70 20.04 -2.47
C THR A 463 22.67 21.01 -3.06
N GLY A 464 22.70 21.15 -4.37
CA GLY A 464 21.78 22.05 -5.06
C GLY A 464 22.23 23.49 -5.13
N GLY A 465 22.61 24.06 -4.02
CA GLY A 465 23.04 25.45 -3.98
C GLY A 465 21.89 26.37 -3.62
N ALA A 466 21.52 27.24 -4.56
CA ALA A 466 20.41 28.18 -4.30
C ALA A 466 19.10 27.46 -4.14
N ALA A 467 18.81 26.48 -5.00
CA ALA A 467 17.55 25.73 -4.89
C ALA A 467 17.49 24.96 -3.57
N GLY A 468 18.58 24.32 -3.18
CA GLY A 468 18.61 23.62 -1.91
C GLY A 468 18.45 24.56 -0.73
N TYR A 469 19.08 25.74 -0.81
CA TYR A 469 18.93 26.72 0.26
C TYR A 469 17.49 27.19 0.37
N ILE A 470 16.84 27.46 -0.76
CA ILE A 470 15.45 27.90 -0.73
C ILE A 470 14.55 26.81 -0.17
N ASP A 471 14.78 25.56 -0.57
CA ASP A 471 14.00 24.45 -0.03
C ASP A 471 14.19 24.35 1.48
N ARG A 472 15.44 24.33 1.94
CA ARG A 472 15.71 24.19 3.36
C ARG A 472 15.23 25.38 4.17
N LEU A 473 15.11 26.56 3.55
CA LEU A 473 14.62 27.74 4.26
C LEU A 473 13.11 27.72 4.36
N LEU A 474 12.41 27.61 3.23
CA LEU A 474 10.96 27.72 3.23
C LEU A 474 10.29 26.48 3.81
N LEU A 475 10.75 25.28 3.45
CA LEU A 475 10.08 24.06 3.85
C LEU A 475 10.74 23.37 5.04
N GLY A 476 11.99 23.70 5.36
CA GLY A 476 12.69 23.02 6.42
C GLY A 476 13.42 21.78 5.93
N ASP A 477 14.43 21.38 6.68
CA ASP A 477 15.26 20.26 6.27
C ASP A 477 14.53 18.92 6.38
N ASP A 478 13.59 18.80 7.33
CA ASP A 478 12.88 17.55 7.51
C ASP A 478 11.80 17.32 6.47
N HIS A 479 11.34 18.37 5.79
CA HIS A 479 10.27 18.27 4.80
C HIS A 479 10.81 18.16 3.38
N LEU A 480 11.98 17.54 3.22
CA LEU A 480 12.62 17.41 1.91
C LEU A 480 13.00 15.95 1.67
N TYR A 481 13.31 15.65 0.42
CA TYR A 481 13.72 14.30 0.03
C TYR A 481 15.04 13.98 0.71
N GLN A 482 15.02 12.99 1.60
CA GLN A 482 16.20 12.63 2.38
C GLN A 482 17.10 11.64 1.67
N HIS A 483 16.73 11.17 0.48
CA HIS A 483 17.55 10.26 -0.31
C HIS A 483 17.66 10.79 -1.74
N PRO A 484 18.35 11.91 -1.94
CA PRO A 484 18.47 12.46 -3.29
C PRO A 484 19.31 11.55 -4.18
N SER A 485 19.16 11.74 -5.49
CA SER A 485 19.83 10.88 -6.45
C SER A 485 21.35 10.99 -6.36
N SER A 486 21.87 12.06 -5.77
CA SER A 486 23.31 12.23 -5.63
C SER A 486 23.86 11.60 -4.35
N ALA A 487 22.99 11.07 -3.49
CA ALA A 487 23.46 10.50 -2.24
C ALA A 487 24.34 9.27 -2.47
N VAL A 488 23.98 8.45 -3.45
CA VAL A 488 24.71 7.20 -3.66
C VAL A 488 26.15 7.48 -4.09
N LEU A 489 26.35 8.44 -4.99
CA LEU A 489 27.67 8.69 -5.58
C LEU A 489 28.43 9.78 -4.85
N TYR A 490 27.86 10.97 -4.72
CA TYR A 490 28.57 12.12 -4.16
C TYR A 490 28.53 12.17 -2.65
N HIS A 491 27.86 11.21 -2.00
CA HIS A 491 27.81 11.12 -0.53
C HIS A 491 27.31 12.42 0.09
N THR A 492 26.18 12.91 -0.44
CA THR A 492 25.56 14.11 0.09
C THR A 492 24.80 13.77 1.37
N GLU A 493 25.18 14.41 2.47
CA GLU A 493 24.57 14.14 3.77
C GLU A 493 23.37 15.04 4.06
N VAL A 494 23.06 15.98 3.19
CA VAL A 494 21.95 16.89 3.40
C VAL A 494 20.76 16.42 2.58
N ALA A 495 19.58 16.91 2.95
CA ALA A 495 18.34 16.53 2.29
C ALA A 495 18.02 17.53 1.20
N TYR A 496 18.01 17.06 -0.05
CA TYR A 496 17.65 17.88 -1.20
C TYR A 496 16.48 17.22 -1.91
N ASP A 497 15.49 18.03 -2.29
CA ASP A 497 14.28 17.53 -2.92
C ASP A 497 14.28 17.88 -4.40
N PRO A 498 14.29 16.89 -5.30
CA PRO A 498 14.32 17.20 -6.74
C PRO A 498 13.13 18.04 -7.18
N GLU A 499 11.96 17.86 -6.58
CA GLU A 499 10.79 18.67 -6.89
C GLU A 499 10.67 19.84 -5.91
N GLY A 500 11.73 20.65 -5.87
CA GLY A 500 11.78 21.75 -4.93
C GLY A 500 10.91 22.93 -5.30
N ILE A 501 11.32 24.12 -4.90
CA ILE A 501 10.57 25.35 -5.17
C ILE A 501 11.12 26.09 -6.38
N LEU A 502 12.44 26.23 -6.47
CA LEU A 502 13.03 26.90 -7.63
C LEU A 502 12.75 26.13 -8.92
N GLY A 503 12.87 24.80 -8.88
CA GLY A 503 12.62 24.00 -10.07
C GLY A 503 11.19 24.08 -10.55
N THR A 504 10.26 24.51 -9.70
CA THR A 504 8.88 24.67 -10.13
C THR A 504 8.76 25.71 -11.23
N ILE A 505 9.66 26.69 -11.25
CA ILE A 505 9.64 27.70 -12.31
C ILE A 505 9.94 27.06 -13.66
N ASN A 506 10.96 26.20 -13.72
CA ASN A 506 11.25 25.51 -14.98
C ASN A 506 10.20 24.46 -15.31
N SER A 507 9.58 23.87 -14.30
CA SER A 507 8.46 22.96 -14.56
C SER A 507 7.31 23.73 -15.20
N ILE A 508 7.04 24.94 -14.72
CA ILE A 508 6.02 25.80 -15.35
C ILE A 508 6.43 26.16 -16.77
N VAL A 509 7.71 26.45 -16.97
CA VAL A 509 8.20 26.80 -18.31
C VAL A 509 7.99 25.63 -19.28
N MET A 510 8.29 24.42 -18.83
CA MET A 510 8.13 23.26 -19.71
C MET A 510 6.65 22.94 -19.93
N ALA A 511 5.82 23.12 -18.91
CA ALA A 511 4.37 22.98 -19.12
C ALA A 511 3.87 23.98 -20.14
N PHE A 512 4.41 25.20 -20.12
CA PHE A 512 4.02 26.18 -21.11
C PHE A 512 4.55 25.84 -22.49
N LEU A 513 5.72 25.21 -22.57
CA LEU A 513 6.20 24.71 -23.86
C LEU A 513 5.26 23.63 -24.39
N GLY A 514 4.75 22.79 -23.50
CA GLY A 514 3.72 21.85 -23.90
C GLY A 514 2.45 22.53 -24.38
N VAL A 515 2.06 23.60 -23.70
CA VAL A 515 0.93 24.41 -24.15
C VAL A 515 1.19 24.95 -25.55
N GLN A 516 2.42 25.37 -25.81
CA GLN A 516 2.79 25.85 -27.14
C GLN A 516 2.68 24.74 -28.17
N ALA A 517 3.10 23.52 -27.82
CA ALA A 517 2.95 22.39 -28.73
C ALA A 517 1.47 22.12 -29.01
N GLY A 518 0.63 22.20 -27.98
CA GLY A 518 -0.80 22.05 -28.20
C GLY A 518 -1.36 23.13 -29.10
N LYS A 519 -0.89 24.37 -28.94
CA LYS A 519 -1.28 25.44 -29.84
C LYS A 519 -0.88 25.12 -31.27
N ILE A 520 0.33 24.60 -31.45
CA ILE A 520 0.80 24.26 -32.79
C ILE A 520 -0.09 23.18 -33.41
N LEU A 521 -0.38 22.14 -32.65
CA LEU A 521 -1.12 21.01 -33.20
C LEU A 521 -2.63 21.22 -33.22
N LEU A 522 -3.14 22.31 -32.65
CA LEU A 522 -4.57 22.58 -32.68
C LEU A 522 -4.95 23.79 -33.52
N TYR A 523 -4.08 24.78 -33.64
CA TYR A 523 -4.35 25.90 -34.55
C TYR A 523 -4.43 25.42 -35.99
N TYR A 524 -3.42 24.70 -36.44
CA TYR A 524 -3.34 24.20 -37.81
C TYR A 524 -3.80 22.75 -37.89
N LYS A 525 -5.07 22.54 -37.50
CA LYS A 525 -5.59 21.19 -37.38
C LYS A 525 -5.59 20.46 -38.72
N ALA A 526 -6.00 21.14 -39.79
CA ALA A 526 -6.07 20.55 -41.12
C ALA A 526 -4.91 20.98 -42.01
N ARG A 527 -3.76 21.28 -41.40
CA ARG A 527 -2.58 21.78 -42.08
C ARG A 527 -1.35 21.04 -41.60
N THR A 528 -1.40 19.70 -41.66
CA THR A 528 -0.37 18.87 -41.02
C THR A 528 1.03 19.20 -41.50
N LYS A 529 1.18 19.69 -42.73
CA LYS A 529 2.49 20.15 -43.17
C LYS A 529 2.98 21.31 -42.30
N ASP A 530 2.10 22.26 -42.00
CA ASP A 530 2.47 23.36 -41.12
C ASP A 530 2.77 22.86 -39.71
N ILE A 531 2.01 21.87 -39.24
CA ILE A 531 2.24 21.31 -37.91
C ILE A 531 3.64 20.71 -37.83
N LEU A 532 4.01 19.92 -38.84
CA LEU A 532 5.35 19.33 -38.85
C LEU A 532 6.43 20.38 -39.00
N ILE A 533 6.18 21.41 -39.81
CA ILE A 533 7.16 22.48 -39.96
C ILE A 533 7.42 23.17 -38.63
N ARG A 534 6.34 23.48 -37.90
CA ARG A 534 6.49 24.18 -36.63
C ARG A 534 7.10 23.28 -35.55
N PHE A 535 6.74 22.00 -35.54
CA PHE A 535 7.37 21.07 -34.61
C PHE A 535 8.86 20.94 -34.88
N THR A 536 9.25 20.87 -36.16
CA THR A 536 10.67 20.82 -36.51
C THR A 536 11.38 22.10 -36.08
N ALA A 537 10.76 23.25 -36.31
CA ALA A 537 11.39 24.52 -35.92
C ALA A 537 11.56 24.61 -34.41
N TRP A 538 10.53 24.21 -33.65
CA TRP A 538 10.64 24.27 -32.20
C TRP A 538 11.66 23.28 -31.66
N CYS A 539 11.69 22.06 -32.21
CA CYS A 539 12.70 21.10 -31.80
C CYS A 539 14.10 21.62 -32.10
N CYS A 540 14.29 22.22 -33.28
CA CYS A 540 15.60 22.73 -33.66
C CYS A 540 16.04 23.86 -32.75
N ILE A 541 15.15 24.81 -32.46
CA ILE A 541 15.55 25.95 -31.65
C ILE A 541 15.79 25.54 -30.21
N LEU A 542 14.97 24.62 -29.68
CA LEU A 542 15.21 24.15 -28.31
C LEU A 542 16.49 23.34 -28.23
N GLY A 543 16.78 22.52 -29.25
CA GLY A 543 18.04 21.82 -29.28
C GLY A 543 19.23 22.76 -29.36
N LEU A 544 19.10 23.85 -30.13
CA LEU A 544 20.17 24.83 -30.20
C LEU A 544 20.39 25.52 -28.87
N ILE A 545 19.30 25.87 -28.17
CA ILE A 545 19.44 26.48 -26.85
C ILE A 545 20.11 25.51 -25.87
N SER A 546 19.69 24.24 -25.90
CA SER A 546 20.28 23.26 -25.01
C SER A 546 21.74 23.00 -25.32
N VAL A 547 22.11 22.96 -26.61
CA VAL A 547 23.48 22.72 -27.00
C VAL A 547 24.35 23.93 -26.73
N ALA A 548 23.77 25.13 -26.69
CA ALA A 548 24.53 26.29 -26.28
C ALA A 548 24.75 26.30 -24.77
N LEU A 549 23.73 25.91 -24.00
CA LEU A 549 23.85 25.94 -22.55
C LEU A 549 24.78 24.85 -22.04
N THR A 550 24.65 23.63 -22.56
CA THR A 550 25.43 22.49 -22.07
C THR A 550 26.74 22.29 -22.80
N LYS A 551 26.86 22.77 -24.04
CA LYS A 551 28.07 22.62 -24.85
C LYS A 551 28.42 21.14 -25.06
N VAL A 552 27.38 20.29 -25.15
CA VAL A 552 27.52 18.85 -25.27
C VAL A 552 28.50 18.33 -24.22
N SER A 553 28.10 18.41 -22.95
CA SER A 553 28.95 17.93 -21.87
C SER A 553 28.08 17.56 -20.69
N GLU A 554 28.40 16.42 -20.07
CA GLU A 554 27.59 15.94 -18.95
C GLU A 554 27.66 16.91 -17.77
N ASN A 555 28.86 17.40 -17.45
CA ASN A 555 29.05 18.24 -16.28
C ASN A 555 29.62 19.62 -16.56
N GLU A 556 30.09 19.88 -17.78
CA GLU A 556 30.60 21.19 -18.13
C GLU A 556 29.46 22.04 -18.71
N GLY A 557 29.80 23.20 -19.26
CA GLY A 557 28.81 24.09 -19.81
C GLY A 557 28.28 25.08 -18.79
N PHE A 558 27.51 26.05 -19.28
CA PHE A 558 26.96 27.07 -18.40
C PHE A 558 25.94 26.47 -17.44
N ILE A 559 24.98 25.71 -17.96
CA ILE A 559 23.97 25.05 -17.13
C ILE A 559 23.86 23.60 -17.59
N PRO A 560 24.44 22.64 -16.87
CA PRO A 560 24.36 21.24 -17.30
C PRO A 560 22.93 20.73 -17.24
N VAL A 561 22.74 19.54 -17.83
CA VAL A 561 21.42 18.92 -17.89
C VAL A 561 21.14 18.27 -16.54
N ASN A 562 20.50 19.00 -15.65
CA ASN A 562 20.27 18.56 -14.28
C ASN A 562 18.78 18.40 -14.03
N LYS A 563 18.39 17.24 -13.51
CA LYS A 563 17.01 17.02 -13.12
C LYS A 563 16.73 17.49 -11.70
N ASN A 564 17.69 17.28 -10.79
CA ASN A 564 17.50 17.68 -9.40
C ASN A 564 17.29 19.18 -9.30
N LEU A 565 18.08 19.96 -10.05
CA LEU A 565 17.88 21.40 -10.12
C LEU A 565 16.81 21.80 -11.13
N TRP A 566 16.35 20.87 -11.96
CA TRP A 566 15.41 21.15 -13.05
C TRP A 566 15.94 22.31 -13.89
N SER A 567 17.16 22.12 -14.39
CA SER A 567 17.88 23.20 -15.06
C SER A 567 17.14 23.67 -16.31
N LEU A 568 17.44 24.90 -16.71
CA LEU A 568 16.87 25.44 -17.95
C LEU A 568 17.31 24.62 -19.15
N SER A 569 18.58 24.20 -19.16
CA SER A 569 19.04 23.33 -20.23
C SER A 569 18.36 21.97 -20.17
N TYR A 570 18.05 21.48 -18.97
CA TYR A 570 17.27 20.26 -18.84
C TYR A 570 15.90 20.42 -19.49
N VAL A 571 15.23 21.54 -19.21
CA VAL A 571 13.92 21.80 -19.77
C VAL A 571 14.00 21.90 -21.29
N THR A 572 14.99 22.63 -21.81
CA THR A 572 15.10 22.79 -23.25
C THR A 572 15.43 21.47 -23.94
N THR A 573 16.34 20.68 -23.36
CA THR A 573 16.69 19.39 -23.96
C THR A 573 15.49 18.46 -23.99
N LEU A 574 14.79 18.33 -22.86
CA LEU A 574 13.67 17.41 -22.82
C LEU A 574 12.50 17.92 -23.65
N SER A 575 12.34 19.24 -23.78
CA SER A 575 11.31 19.78 -24.64
C SER A 575 11.63 19.55 -26.11
N SER A 576 12.90 19.66 -26.49
CA SER A 576 13.29 19.31 -27.85
C SER A 576 13.05 17.84 -28.14
N PHE A 577 13.37 16.97 -27.18
CA PHE A 577 13.09 15.55 -27.34
C PHE A 577 11.60 15.31 -27.48
N ALA A 578 10.78 15.99 -26.67
CA ALA A 578 9.33 15.84 -26.76
C ALA A 578 8.79 16.34 -28.08
N PHE A 579 9.33 17.46 -28.58
CA PHE A 579 8.90 17.98 -29.87
C PHE A 579 9.27 17.02 -31.00
N PHE A 580 10.45 16.42 -30.94
CA PHE A 580 10.81 15.43 -31.95
C PHE A 580 9.92 14.19 -31.86
N ILE A 581 9.62 13.75 -30.64
CA ILE A 581 8.74 12.60 -30.47
C ILE A 581 7.35 12.90 -31.01
N LEU A 582 6.85 14.10 -30.78
CA LEU A 582 5.56 14.50 -31.36
C LEU A 582 5.65 14.58 -32.89
N LEU A 583 6.77 15.08 -33.41
CA LEU A 583 6.96 15.10 -34.86
C LEU A 583 6.96 13.70 -35.45
N VAL A 584 7.42 12.71 -34.68
CA VAL A 584 7.42 11.33 -35.16
C VAL A 584 6.04 10.69 -35.00
N LEU A 585 5.32 11.03 -33.94
CA LEU A 585 4.06 10.37 -33.60
C LEU A 585 2.86 10.96 -34.32
N TYR A 586 2.75 12.29 -34.40
CA TYR A 586 1.56 12.91 -34.97
C TYR A 586 1.28 12.46 -36.40
N PRO A 587 2.24 12.46 -37.33
CA PRO A 587 1.92 11.90 -38.66
C PRO A 587 1.56 10.43 -38.61
N VAL A 588 2.42 9.60 -38.03
CA VAL A 588 2.26 8.16 -38.08
C VAL A 588 0.97 7.73 -37.41
N VAL A 589 0.66 8.29 -36.24
CA VAL A 589 -0.47 7.84 -35.45
C VAL A 589 -1.75 8.65 -35.70
N ASP A 590 -1.64 9.84 -36.31
CA ASP A 590 -2.80 10.70 -36.52
C ASP A 590 -3.08 10.97 -37.98
N VAL A 591 -2.08 11.44 -38.73
CA VAL A 591 -2.32 11.86 -40.11
C VAL A 591 -2.25 10.67 -41.06
N LYS A 592 -1.08 10.03 -41.13
CA LYS A 592 -0.93 8.88 -42.00
C LYS A 592 -1.77 7.71 -41.52
N GLY A 593 -1.84 7.50 -40.20
CA GLY A 593 -2.60 6.40 -39.65
C GLY A 593 -1.92 5.04 -39.70
N LEU A 594 -0.62 5.00 -39.99
CA LEU A 594 0.09 3.73 -40.08
C LEU A 594 0.20 3.01 -38.74
N TRP A 595 -0.10 3.69 -37.64
CA TRP A 595 0.04 3.11 -36.32
C TRP A 595 -1.01 3.72 -35.42
N THR A 596 -1.32 3.02 -34.32
CA THR A 596 -2.33 3.48 -33.38
C THR A 596 -1.81 3.55 -31.96
N GLY A 597 -0.51 3.43 -31.74
CA GLY A 597 0.03 3.32 -30.40
C GLY A 597 -0.50 2.08 -29.72
N THR A 598 -0.47 0.96 -30.44
CA THR A 598 -1.22 -0.23 -30.04
C THR A 598 -0.96 -0.67 -28.60
N PRO A 599 0.26 -0.75 -28.09
CA PRO A 599 0.45 -1.07 -26.66
C PRO A 599 0.63 0.14 -25.75
N PHE A 600 0.43 1.36 -26.25
CA PHE A 600 0.81 2.57 -25.52
C PHE A 600 -0.36 3.42 -25.06
N PHE A 601 -1.43 3.57 -25.85
CA PHE A 601 -2.38 4.63 -25.55
C PHE A 601 -3.39 4.27 -24.47
N TYR A 602 -3.49 3.00 -24.06
CA TYR A 602 -4.31 2.71 -22.89
C TYR A 602 -3.73 3.35 -21.63
N PRO A 603 -2.43 3.20 -21.32
CA PRO A 603 -1.85 4.05 -20.27
C PRO A 603 -1.96 5.54 -20.58
N GLY A 604 -1.93 5.93 -21.85
CA GLY A 604 -2.12 7.31 -22.18
C GLY A 604 -3.47 7.84 -21.73
N MET A 605 -4.50 6.99 -21.77
CA MET A 605 -5.82 7.40 -21.30
C MET A 605 -5.99 7.25 -19.80
N ASN A 606 -5.29 6.29 -19.18
CA ASN A 606 -5.41 6.04 -17.74
C ASN A 606 -4.12 6.41 -17.00
N SER A 607 -3.47 7.51 -17.42
CA SER A 607 -2.23 7.95 -16.79
C SER A 607 -2.35 8.12 -15.28
N ILE A 608 -3.34 8.87 -14.82
CA ILE A 608 -3.43 9.15 -13.39
C ILE A 608 -3.72 7.87 -12.62
N LEU A 609 -4.60 7.03 -13.15
CA LEU A 609 -4.89 5.76 -12.50
C LEU A 609 -3.65 4.89 -12.40
N VAL A 610 -2.86 4.81 -13.48
CA VAL A 610 -1.67 3.96 -13.46
C VAL A 610 -0.63 4.52 -12.50
N TYR A 611 -0.44 5.84 -12.49
CA TYR A 611 0.53 6.42 -11.57
C TYR A 611 0.14 6.17 -10.12
N VAL A 612 -1.10 6.47 -9.77
CA VAL A 612 -1.54 6.27 -8.38
C VAL A 612 -1.49 4.79 -8.02
N GLY A 613 -1.87 3.91 -8.94
CA GLY A 613 -1.86 2.50 -8.64
C GLY A 613 -0.47 1.94 -8.43
N HIS A 614 0.48 2.31 -9.29
CA HIS A 614 1.83 1.80 -9.12
C HIS A 614 2.53 2.47 -7.95
N GLU A 615 2.07 3.64 -7.52
CA GLU A 615 2.56 4.21 -6.26
C GLU A 615 1.99 3.46 -5.06
N VAL A 616 0.74 3.03 -5.15
CA VAL A 616 0.11 2.29 -4.05
C VAL A 616 0.51 0.82 -4.11
N PHE A 617 0.24 0.16 -5.24
CA PHE A 617 0.51 -1.27 -5.41
C PHE A 617 1.97 -1.48 -5.83
N GLU A 618 2.86 -0.94 -4.99
CA GLU A 618 4.30 -1.09 -5.22
C GLU A 618 4.72 -2.54 -5.11
N ASN A 619 4.51 -3.14 -3.94
CA ASN A 619 5.07 -4.44 -3.59
C ASN A 619 4.10 -5.59 -3.82
N TYR A 620 2.93 -5.33 -4.39
CA TYR A 620 1.94 -6.38 -4.56
C TYR A 620 2.44 -7.43 -5.55
N PHE A 621 1.92 -8.65 -5.40
CA PHE A 621 2.58 -9.81 -6.01
C PHE A 621 2.78 -9.70 -7.51
N PRO A 622 1.79 -9.34 -8.34
CA PRO A 622 2.05 -9.28 -9.77
C PRO A 622 3.16 -8.32 -10.14
N PHE A 623 3.30 -7.21 -9.42
CA PHE A 623 4.32 -6.21 -9.69
C PHE A 623 5.61 -6.42 -8.91
N GLN A 624 5.63 -7.34 -7.96
CA GLN A 624 6.83 -7.55 -7.14
C GLN A 624 6.70 -8.87 -6.42
N TRP A 625 7.70 -9.74 -6.57
CA TRP A 625 7.75 -11.02 -5.87
C TRP A 625 9.18 -11.27 -5.42
N LYS A 626 9.32 -12.18 -4.45
CA LYS A 626 10.64 -12.49 -3.92
C LYS A 626 11.48 -13.17 -4.99
N LEU A 627 12.76 -12.79 -5.04
CA LEU A 627 13.67 -13.25 -6.07
C LEU A 627 14.64 -14.29 -5.52
N LYS A 628 14.99 -15.26 -6.37
CA LYS A 628 15.98 -16.25 -5.98
C LYS A 628 17.34 -15.61 -5.73
N ASP A 629 17.74 -14.68 -6.59
CA ASP A 629 18.99 -13.95 -6.45
C ASP A 629 18.67 -12.46 -6.45
N ASN A 630 18.70 -11.84 -5.26
CA ASN A 630 18.35 -10.43 -5.14
C ASN A 630 19.44 -9.51 -5.70
N GLN A 631 20.62 -10.04 -6.01
CA GLN A 631 21.72 -9.24 -6.53
C GLN A 631 22.00 -9.55 -8.00
N SER A 632 21.00 -10.03 -8.72
CA SER A 632 21.14 -10.38 -10.13
C SER A 632 20.41 -9.34 -10.98
N HIS A 633 21.07 -8.88 -12.05
CA HIS A 633 20.44 -7.92 -12.95
C HIS A 633 19.35 -8.58 -13.78
N LYS A 634 19.56 -9.84 -14.18
CA LYS A 634 18.57 -10.52 -15.03
C LYS A 634 17.26 -10.72 -14.28
N GLU A 635 17.32 -11.15 -13.02
CA GLU A 635 16.10 -11.38 -12.26
C GLU A 635 15.34 -10.09 -12.01
N HIS A 636 16.05 -9.03 -11.60
CA HIS A 636 15.41 -7.75 -11.38
C HIS A 636 14.81 -7.20 -12.66
N LEU A 637 15.54 -7.32 -13.78
CA LEU A 637 15.02 -6.84 -15.06
C LEU A 637 13.78 -7.60 -15.47
N THR A 638 13.79 -8.93 -15.31
CA THR A 638 12.61 -9.72 -15.64
C THR A 638 11.42 -9.32 -14.78
N GLN A 639 11.65 -9.15 -13.47
CA GLN A 639 10.56 -8.76 -12.58
C GLN A 639 10.00 -7.39 -12.95
N ASN A 640 10.88 -6.42 -13.25
CA ASN A 640 10.42 -5.08 -13.59
C ASN A 640 9.70 -5.04 -14.92
N ILE A 641 10.18 -5.82 -15.90
CA ILE A 641 9.53 -5.87 -17.20
C ILE A 641 8.16 -6.54 -17.09
N VAL A 642 8.06 -7.60 -16.28
CA VAL A 642 6.77 -8.25 -16.07
C VAL A 642 5.82 -7.30 -15.36
N ALA A 643 6.31 -6.53 -14.38
CA ALA A 643 5.45 -5.57 -13.70
C ALA A 643 4.96 -4.48 -14.65
N THR A 644 5.86 -3.95 -15.49
CA THR A 644 5.45 -2.95 -16.47
C THR A 644 4.44 -3.51 -17.46
N ALA A 645 4.66 -4.74 -17.94
CA ALA A 645 3.73 -5.36 -18.87
C ALA A 645 2.38 -5.59 -18.21
N LEU A 646 2.38 -5.95 -16.92
CA LEU A 646 1.13 -6.13 -16.21
C LEU A 646 0.39 -4.82 -16.02
N TRP A 647 1.13 -3.71 -15.81
CA TRP A 647 0.46 -2.42 -15.72
C TRP A 647 -0.11 -2.01 -17.08
N VAL A 648 0.59 -2.33 -18.16
CA VAL A 648 0.04 -2.08 -19.49
C VAL A 648 -1.23 -2.91 -19.70
N LEU A 649 -1.21 -4.16 -19.24
CA LEU A 649 -2.38 -5.02 -19.36
C LEU A 649 -3.55 -4.48 -18.54
N ILE A 650 -3.28 -3.97 -17.34
CA ILE A 650 -4.32 -3.39 -16.51
C ILE A 650 -4.90 -2.15 -17.19
N ALA A 651 -4.05 -1.32 -17.77
CA ALA A 651 -4.52 -0.15 -18.49
C ALA A 651 -5.35 -0.54 -19.70
N TYR A 652 -4.95 -1.59 -20.42
CA TYR A 652 -5.74 -2.07 -21.54
C TYR A 652 -7.09 -2.60 -21.09
N ILE A 653 -7.12 -3.29 -19.94
CA ILE A 653 -8.38 -3.76 -19.39
C ILE A 653 -9.29 -2.59 -19.04
N LEU A 654 -8.73 -1.56 -18.40
CA LEU A 654 -9.49 -0.37 -18.07
C LEU A 654 -9.82 0.48 -19.29
N TYR A 655 -9.24 0.17 -20.45
CA TYR A 655 -9.66 0.80 -21.70
C TYR A 655 -10.78 0.02 -22.37
N ARG A 656 -10.69 -1.32 -22.37
CA ARG A 656 -11.75 -2.14 -22.96
C ARG A 656 -13.06 -1.92 -22.24
N LYS A 657 -13.04 -1.96 -20.91
CA LYS A 657 -14.15 -1.49 -20.10
C LYS A 657 -13.90 -0.01 -19.83
N LYS A 658 -14.78 0.85 -20.33
CA LYS A 658 -14.46 2.28 -20.38
C LYS A 658 -14.44 2.89 -19.00
N ILE A 659 -13.48 2.49 -18.18
CA ILE A 659 -13.26 3.04 -16.85
C ILE A 659 -12.07 3.99 -16.96
N PHE A 660 -12.34 5.28 -17.10
CA PHE A 660 -11.31 6.30 -17.25
C PHE A 660 -11.38 7.23 -16.05
N TRP A 661 -10.51 7.01 -15.07
CA TRP A 661 -10.44 7.91 -13.93
C TRP A 661 -9.78 9.22 -14.36
N LYS A 662 -10.48 10.33 -14.12
CA LYS A 662 -9.97 11.66 -14.41
C LYS A 662 -10.24 12.56 -13.22
N ILE A 663 -9.32 13.51 -12.99
CA ILE A 663 -9.44 14.43 -11.88
C ILE A 663 -10.23 15.66 -12.28
N ALA B 75 5.29 5.07 33.38
CA ALA B 75 6.51 5.28 32.62
C ALA B 75 6.92 4.02 31.88
N GLU B 76 7.51 3.07 32.61
CA GLU B 76 7.95 1.81 32.01
C GLU B 76 6.78 0.88 31.68
N LEU B 77 5.57 1.20 32.13
CA LEU B 77 4.42 0.35 31.86
C LEU B 77 4.00 0.46 30.40
N LYS B 78 3.18 -0.49 29.99
CA LYS B 78 2.62 -0.54 28.64
C LYS B 78 1.11 -0.39 28.69
N MET B 79 0.48 -0.48 27.53
CA MET B 79 -0.97 -0.34 27.45
C MET B 79 -1.66 -1.52 28.10
N ASP B 80 -2.71 -1.22 28.87
CA ASP B 80 -3.46 -2.24 29.61
C ASP B 80 -2.55 -3.09 30.49
N GLN B 81 -1.78 -2.42 31.34
CA GLN B 81 -0.91 -3.09 32.30
C GLN B 81 -0.78 -2.23 33.55
N ALA B 82 -0.52 -2.88 34.68
CA ALA B 82 -0.30 -2.21 35.94
C ALA B 82 0.97 -2.74 36.58
N LEU B 83 1.76 -1.83 37.15
CA LEU B 83 3.01 -2.21 37.80
C LEU B 83 2.69 -2.73 39.19
N LEU B 84 2.88 -4.03 39.39
CA LEU B 84 2.53 -4.71 40.64
C LEU B 84 3.81 -4.87 41.46
N LEU B 85 3.95 -4.04 42.49
CA LEU B 85 5.04 -4.19 43.44
C LEU B 85 4.71 -5.28 44.43
N ILE B 86 5.69 -6.13 44.73
CA ILE B 86 5.49 -7.25 45.64
C ILE B 86 6.63 -7.23 46.66
N HIS B 87 6.27 -7.18 47.94
CA HIS B 87 7.22 -7.17 49.05
C HIS B 87 6.96 -8.38 49.93
N ASN B 88 8.01 -9.15 50.22
CA ASN B 88 7.90 -10.32 51.08
C ASN B 88 8.72 -10.08 52.34
N GLU B 89 8.08 -10.22 53.50
CA GLU B 89 8.72 -10.07 54.79
C GLU B 89 9.15 -11.41 55.39
N LEU B 90 9.32 -12.42 54.55
CA LEU B 90 9.72 -13.75 55.00
C LEU B 90 11.19 -13.98 54.65
N LEU B 91 11.98 -14.37 55.65
CA LEU B 91 13.39 -14.62 55.48
C LEU B 91 13.71 -16.11 55.37
N TRP B 92 12.69 -16.96 55.23
CA TRP B 92 12.90 -18.40 55.17
C TRP B 92 12.30 -19.06 53.94
N THR B 93 11.51 -18.37 53.13
CA THR B 93 10.88 -18.96 51.96
C THR B 93 10.90 -17.95 50.83
N ASN B 94 11.66 -18.24 49.77
CA ASN B 94 11.58 -17.44 48.56
C ASN B 94 10.21 -17.61 47.93
N LEU B 95 9.63 -16.51 47.46
CA LEU B 95 8.30 -16.50 46.88
C LEU B 95 8.42 -16.25 45.37
N THR B 96 7.92 -17.20 44.58
CA THR B 96 7.77 -17.01 43.16
C THR B 96 6.30 -16.71 42.86
N VAL B 97 6.07 -15.79 41.93
CA VAL B 97 4.75 -15.24 41.67
C VAL B 97 4.23 -15.82 40.37
N TYR B 98 3.06 -16.46 40.43
CA TYR B 98 2.43 -17.10 39.29
C TYR B 98 1.18 -16.33 38.91
N TRP B 99 1.02 -16.08 37.61
CA TRP B 99 -0.07 -15.28 37.08
C TRP B 99 -0.90 -16.08 36.10
N LYS B 100 -2.20 -15.83 36.09
CA LYS B 100 -3.10 -16.47 35.15
C LYS B 100 -4.31 -15.57 34.95
N SER B 101 -4.59 -15.22 33.70
CA SER B 101 -5.75 -14.37 33.41
C SER B 101 -7.04 -15.10 33.79
N GLU B 102 -8.00 -14.34 34.30
CA GLU B 102 -9.23 -14.95 34.80
C GLU B 102 -10.06 -15.53 33.66
N CYS B 103 -10.04 -14.91 32.48
CA CYS B 103 -10.89 -15.36 31.39
C CYS B 103 -10.39 -16.63 30.73
N CYS B 104 -9.11 -16.96 30.86
CA CYS B 104 -8.61 -18.20 30.27
C CYS B 104 -9.30 -19.40 30.91
N TYR B 105 -9.60 -20.40 30.08
CA TYR B 105 -10.36 -21.55 30.56
C TYR B 105 -9.51 -22.41 31.49
N HIS B 106 -8.40 -22.94 30.97
CA HIS B 106 -7.48 -23.77 31.77
C HIS B 106 -6.07 -23.42 31.32
N CYS B 107 -5.44 -22.49 32.02
CA CYS B 107 -4.10 -22.02 31.69
C CYS B 107 -3.11 -22.47 32.76
N LEU B 108 -1.89 -22.76 32.32
CA LEU B 108 -0.79 -22.92 33.27
C LEU B 108 -0.53 -21.61 33.98
N PHE B 109 -0.17 -21.70 35.26
CA PHE B 109 0.20 -20.51 36.01
C PHE B 109 1.58 -20.03 35.58
N GLN B 110 1.63 -19.24 34.51
CA GLN B 110 2.91 -18.73 34.03
C GLN B 110 3.56 -17.86 35.10
N VAL B 111 4.86 -18.07 35.30
CA VAL B 111 5.57 -17.36 36.35
C VAL B 111 5.64 -15.88 35.99
N LEU B 112 5.27 -15.03 36.94
CA LEU B 112 5.26 -13.58 36.73
C LEU B 112 6.59 -12.95 37.13
N VAL B 113 7.01 -13.18 38.38
CA VAL B 113 8.27 -12.64 38.87
C VAL B 113 8.72 -13.51 40.03
N ASN B 114 10.04 -13.64 40.19
CA ASN B 114 10.63 -14.39 41.29
C ASN B 114 11.11 -13.39 42.35
N VAL B 115 10.56 -13.48 43.54
CA VAL B 115 10.86 -12.55 44.63
C VAL B 115 11.72 -13.30 45.65
N PRO B 116 12.97 -12.90 45.87
CA PRO B 116 13.80 -13.56 46.87
C PRO B 116 13.38 -13.19 48.28
N GLN B 117 13.93 -13.92 49.25
CA GLN B 117 13.63 -13.66 50.65
C GLN B 117 14.29 -12.36 51.10
N SER B 118 13.75 -11.80 52.19
CA SER B 118 14.29 -10.56 52.72
C SER B 118 15.67 -10.80 53.31
N PRO B 119 16.68 -10.01 52.92
CA PRO B 119 18.02 -10.21 53.50
C PRO B 119 18.08 -10.03 55.01
N LYS B 120 17.25 -9.15 55.56
CA LYS B 120 17.25 -8.88 56.99
C LYS B 120 15.85 -8.50 57.43
N ALA B 121 15.60 -8.63 58.73
CA ALA B 121 14.29 -8.30 59.29
C ALA B 121 14.01 -6.81 59.14
N GLY B 122 12.77 -6.49 58.75
CA GLY B 122 12.36 -5.13 58.56
C GLY B 122 12.71 -4.54 57.21
N LYS B 123 13.34 -5.30 56.32
CA LYS B 123 13.71 -4.84 54.99
C LYS B 123 13.22 -5.86 53.97
N PRO B 124 11.92 -5.85 53.67
CA PRO B 124 11.39 -6.83 52.71
C PRO B 124 11.98 -6.63 51.32
N SER B 125 12.19 -7.74 50.62
CA SER B 125 12.70 -7.67 49.26
C SER B 125 11.63 -7.10 48.33
N ALA B 126 12.05 -6.25 47.41
CA ALA B 126 11.15 -5.57 46.50
C ALA B 126 11.35 -6.10 45.09
N ALA B 127 10.26 -6.55 44.47
CA ALA B 127 10.26 -7.01 43.09
C ALA B 127 9.11 -6.34 42.35
N ALA B 128 9.40 -5.80 41.18
CA ALA B 128 8.43 -5.07 40.38
C ALA B 128 8.09 -5.86 39.13
N ALA B 129 6.80 -6.13 38.92
CA ALA B 129 6.33 -6.84 37.76
C ALA B 129 5.06 -6.16 37.23
N SER B 130 4.85 -6.29 35.93
CA SER B 130 3.69 -5.71 35.27
C SER B 130 2.68 -6.82 34.96
N VAL B 131 1.42 -6.57 35.29
CA VAL B 131 0.35 -7.56 35.15
C VAL B 131 -0.69 -7.01 34.18
N SER B 132 -1.20 -7.90 33.33
CA SER B 132 -2.25 -7.51 32.40
C SER B 132 -3.49 -7.09 33.16
N THR B 133 -4.10 -5.98 32.72
CA THR B 133 -5.25 -5.41 33.40
C THR B 133 -6.51 -5.44 32.55
N GLN B 134 -6.49 -6.15 31.42
CA GLN B 134 -7.63 -6.14 30.53
C GLN B 134 -8.87 -6.70 31.23
N HIS B 135 -8.76 -7.89 31.82
CA HIS B 135 -9.87 -8.48 32.56
C HIS B 135 -9.31 -9.57 33.46
N GLY B 136 -9.36 -9.34 34.77
CA GLY B 136 -8.99 -10.35 35.75
C GLY B 136 -7.52 -10.64 35.85
N SER B 137 -7.07 -11.07 37.04
CA SER B 137 -5.68 -11.48 37.23
C SER B 137 -5.64 -12.42 38.43
N ILE B 138 -5.53 -13.72 38.18
CA ILE B 138 -5.45 -14.71 39.23
C ILE B 138 -3.97 -14.92 39.56
N LEU B 139 -3.57 -14.54 40.76
CA LEU B 139 -2.19 -14.67 41.21
C LEU B 139 -2.09 -15.75 42.27
N GLN B 140 -1.12 -16.64 42.10
CA GLN B 140 -0.82 -17.68 43.08
C GLN B 140 0.64 -17.55 43.51
N LEU B 141 0.86 -17.54 44.82
CA LEU B 141 2.21 -17.47 45.38
C LEU B 141 2.51 -18.82 46.03
N ASN B 142 3.47 -19.56 45.48
CA ASN B 142 3.94 -20.78 46.09
C ASN B 142 5.45 -20.74 46.22
N ASP B 143 5.98 -21.40 47.24
CA ASP B 143 7.39 -21.35 47.53
C ASP B 143 8.19 -22.03 46.44
N THR B 144 9.33 -21.43 46.08
CA THR B 144 10.18 -22.00 45.04
C THR B 144 10.97 -23.22 45.51
N LEU B 145 11.06 -23.43 46.83
CA LEU B 145 11.78 -24.56 47.38
C LEU B 145 10.85 -25.63 47.94
N GLU B 146 9.93 -25.26 48.84
CA GLU B 146 8.99 -26.23 49.39
C GLU B 146 7.88 -26.58 48.42
N GLU B 147 7.70 -25.81 47.35
CA GLU B 147 6.65 -26.04 46.36
C GLU B 147 5.27 -26.08 47.02
N LYS B 148 5.04 -25.19 47.97
CA LYS B 148 3.77 -25.09 48.68
C LYS B 148 3.25 -23.66 48.59
N GLU B 149 1.95 -23.53 48.33
CA GLU B 149 1.36 -22.21 48.19
C GLU B 149 1.19 -21.55 49.56
N VAL B 150 1.36 -20.23 49.60
CA VAL B 150 1.28 -19.46 50.82
C VAL B 150 0.02 -18.59 50.86
N CYS B 151 -0.32 -17.95 49.75
CA CYS B 151 -1.57 -17.20 49.66
C CYS B 151 -2.01 -17.18 48.20
N ARG B 152 -3.29 -16.92 48.00
CA ARG B 152 -3.87 -16.85 46.67
C ARG B 152 -4.78 -15.64 46.59
N LEU B 153 -4.63 -14.85 45.54
CA LEU B 153 -5.45 -13.67 45.33
C LEU B 153 -5.93 -13.64 43.89
N GLU B 154 -7.16 -13.17 43.69
CA GLU B 154 -7.80 -13.10 42.38
C GLU B 154 -8.28 -11.68 42.09
N TYR B 155 -7.42 -10.71 42.38
CA TYR B 155 -7.78 -9.32 42.16
C TYR B 155 -7.80 -8.98 40.67
N ARG B 156 -8.64 -8.00 40.32
CA ARG B 156 -8.74 -7.51 38.95
C ARG B 156 -8.11 -6.13 38.93
N PHE B 157 -6.87 -6.05 38.47
CA PHE B 157 -6.12 -4.80 38.52
C PHE B 157 -6.65 -3.83 37.47
N GLY B 158 -6.19 -2.58 37.56
CA GLY B 158 -6.61 -1.54 36.66
C GLY B 158 -5.45 -0.93 35.87
N GLU B 159 -5.76 -0.33 34.73
CA GLU B 159 -4.73 0.17 33.83
C GLU B 159 -3.92 1.28 34.46
N PHE B 160 -2.61 1.23 34.26
CA PHE B 160 -1.67 2.23 34.79
C PHE B 160 -1.82 2.40 36.29
N GLY B 161 -2.01 1.28 36.99
CA GLY B 161 -2.06 1.29 38.44
C GLY B 161 -0.69 1.15 39.06
N ASN B 162 -0.68 1.12 40.39
CA ASN B 162 0.55 0.91 41.17
C ASN B 162 0.13 0.15 42.43
N TYR B 163 0.24 -1.18 42.37
CA TYR B 163 -0.24 -2.06 43.42
C TYR B 163 0.93 -2.65 44.18
N SER B 164 0.89 -2.52 45.50
CA SER B 164 1.91 -3.08 46.38
C SER B 164 1.33 -4.25 47.14
N LEU B 165 1.93 -5.43 46.98
CA LEU B 165 1.48 -6.64 47.66
C LEU B 165 2.52 -6.99 48.71
N LEU B 166 2.15 -6.82 49.98
CA LEU B 166 3.02 -7.15 51.10
C LEU B 166 2.54 -8.45 51.73
N VAL B 167 3.47 -9.38 51.95
CA VAL B 167 3.17 -10.66 52.56
C VAL B 167 4.11 -10.87 53.74
N LYS B 168 3.54 -11.24 54.89
CA LYS B 168 4.31 -11.42 56.11
C LYS B 168 3.71 -12.56 56.91
N ASN B 169 4.50 -13.08 57.83
CA ASN B 169 4.07 -14.20 58.68
C ASN B 169 3.04 -13.70 59.68
N ILE B 170 1.77 -13.94 59.39
CA ILE B 170 0.69 -13.51 60.26
C ILE B 170 -0.54 -14.41 60.09
N ILE B 177 0.80 -16.84 57.33
CA ILE B 177 1.19 -16.13 56.13
C ILE B 177 -0.03 -15.55 55.44
N ALA B 178 -0.08 -14.21 55.35
CA ALA B 178 -1.21 -13.51 54.75
C ALA B 178 -0.69 -12.47 53.77
N CYS B 179 -1.50 -12.18 52.75
CA CYS B 179 -1.17 -11.23 51.70
C CYS B 179 -2.18 -10.09 51.71
N ASP B 180 -1.69 -8.86 51.69
CA ASP B 180 -2.54 -7.68 51.85
C ASP B 180 -2.97 -7.07 50.52
N LEU B 181 -2.02 -6.78 49.62
CA LEU B 181 -2.30 -6.19 48.31
C LEU B 181 -2.99 -4.84 48.46
N ALA B 182 -2.23 -3.89 49.00
CA ALA B 182 -2.71 -2.52 49.16
C ALA B 182 -2.39 -1.72 47.91
N VAL B 183 -3.39 -1.03 47.38
CA VAL B 183 -3.23 -0.22 46.17
C VAL B 183 -2.62 1.12 46.55
N ASN B 184 -1.57 1.52 45.82
CA ASN B 184 -0.91 2.79 46.09
C ASN B 184 -1.49 3.91 45.24
N GLU B 185 -1.45 3.76 43.91
CA GLU B 185 -1.97 4.76 42.99
C GLU B 185 -3.23 4.22 42.33
N ASP B 186 -4.28 5.04 42.33
CA ASP B 186 -5.54 4.61 41.73
C ASP B 186 -5.36 4.41 40.23
N PRO B 187 -5.92 3.33 39.67
CA PRO B 187 -5.75 3.07 38.24
C PRO B 187 -6.45 4.11 37.39
N VAL B 188 -5.87 4.35 36.21
CA VAL B 188 -6.50 5.24 35.24
C VAL B 188 -7.79 4.64 34.72
N ASP B 189 -7.76 3.36 34.33
CA ASP B 189 -8.92 2.62 33.86
C ASP B 189 -9.57 3.31 32.66
N SER B 190 -8.80 3.35 31.56
CA SER B 190 -9.26 4.01 30.36
C SER B 190 -10.48 3.33 29.73
N ASN B 191 -10.78 2.10 30.15
CA ASN B 191 -11.99 1.43 29.68
C ASN B 191 -13.25 1.96 30.34
N LEU B 192 -13.12 2.84 31.32
CA LEU B 192 -14.23 3.43 32.05
C LEU B 192 -14.91 4.50 31.20
N PRO B 193 -15.88 5.23 31.75
CA PRO B 193 -16.66 6.20 30.95
C PRO B 193 -15.81 7.19 30.15
N VAL B 194 -14.50 7.20 30.36
CA VAL B 194 -13.58 7.91 29.48
C VAL B 194 -13.58 7.33 28.08
N SER B 195 -14.25 6.20 27.86
CA SER B 195 -14.43 5.61 26.53
C SER B 195 -15.86 5.73 26.04
N ILE B 196 -16.74 6.41 26.78
CA ILE B 196 -18.13 6.57 26.39
C ILE B 196 -18.46 8.05 26.27
N ALA B 197 -18.32 8.78 27.38
CA ALA B 197 -18.57 10.22 27.35
C ALA B 197 -17.57 10.93 26.45
N PHE B 198 -16.29 10.55 26.56
CA PHE B 198 -15.27 11.14 25.69
C PHE B 198 -15.51 10.75 24.23
N LEU B 199 -15.98 9.52 23.99
CA LEU B 199 -16.31 9.11 22.62
C LEU B 199 -17.44 9.96 22.06
N ILE B 200 -18.47 10.21 22.85
CA ILE B 200 -19.58 11.05 22.41
C ILE B 200 -19.09 12.47 22.13
N GLY B 201 -18.23 13.00 23.01
CA GLY B 201 -17.69 14.33 22.80
C GLY B 201 -16.86 14.42 21.54
N LEU B 202 -16.03 13.40 21.28
CA LEU B 202 -15.22 13.37 20.06
C LEU B 202 -16.10 13.29 18.82
N ALA B 203 -17.16 12.48 18.88
CA ALA B 203 -18.09 12.41 17.74
C ALA B 203 -18.76 13.75 17.50
N VAL B 204 -19.17 14.43 18.56
CA VAL B 204 -19.81 15.74 18.41
C VAL B 204 -18.82 16.73 17.82
N ILE B 205 -17.57 16.72 18.28
CA ILE B 205 -16.57 17.63 17.77
C ILE B 205 -16.29 17.37 16.30
N ILE B 206 -16.19 16.10 15.91
CA ILE B 206 -15.94 15.75 14.52
C ILE B 206 -17.10 16.18 13.64
N VAL B 207 -18.33 15.95 14.11
CA VAL B 207 -19.51 16.35 13.34
C VAL B 207 -19.55 17.86 13.17
N ILE B 208 -19.26 18.60 14.24
CA ILE B 208 -19.28 20.05 14.17
C ILE B 208 -18.21 20.56 13.20
N SER B 209 -17.02 19.98 13.27
CA SER B 209 -15.94 20.40 12.36
C SER B 209 -16.31 20.10 10.91
N PHE B 210 -16.87 18.92 10.65
CA PHE B 210 -17.26 18.58 9.28
C PHE B 210 -18.35 19.51 8.77
N LEU B 211 -19.34 19.82 9.62
CA LEU B 211 -20.40 20.73 9.20
C LEU B 211 -19.85 22.12 8.92
N ARG B 212 -18.95 22.61 9.77
CA ARG B 212 -18.36 23.92 9.56
C ARG B 212 -17.54 23.95 8.27
N LEU B 213 -16.78 22.89 8.00
CA LEU B 213 -16.00 22.84 6.77
C LEU B 213 -16.90 22.80 5.54
N LEU B 214 -18.00 22.04 5.60
CA LEU B 214 -18.87 21.90 4.44
C LEU B 214 -19.72 23.15 4.20
N LEU B 215 -20.03 23.89 5.27
CA LEU B 215 -20.89 25.06 5.12
C LEU B 215 -20.24 26.14 4.26
N SER B 216 -18.95 26.38 4.47
CA SER B 216 -18.24 27.45 3.75
C SER B 216 -17.71 26.92 2.41
N LEU B 217 -18.65 26.57 1.54
CA LEU B 217 -18.32 26.06 0.21
C LEU B 217 -18.84 26.96 -0.90
N ASP B 218 -20.13 27.30 -0.89
CA ASP B 218 -20.73 28.11 -1.95
C ASP B 218 -21.00 29.54 -1.54
N ASP B 219 -21.19 29.80 -0.24
CA ASP B 219 -21.46 31.16 0.21
C ASP B 219 -20.27 32.08 -0.06
N PHE B 220 -19.05 31.59 0.20
CA PHE B 220 -17.87 32.40 -0.07
C PHE B 220 -17.70 32.66 -1.56
N ASN B 221 -17.94 31.63 -2.39
CA ASN B 221 -17.82 31.81 -3.83
C ASN B 221 -18.84 32.80 -4.36
N ASN B 222 -20.08 32.74 -3.85
CA ASN B 222 -21.09 33.69 -4.27
C ASN B 222 -20.72 35.12 -3.90
N TRP B 223 -20.16 35.32 -2.70
CA TRP B 223 -19.73 36.65 -2.29
C TRP B 223 -18.52 37.14 -3.06
N ILE B 224 -17.76 36.23 -3.69
CA ILE B 224 -16.59 36.62 -4.47
C ILE B 224 -16.94 37.08 -5.87
N SER B 225 -18.20 36.91 -6.29
CA SER B 225 -18.61 37.36 -7.61
C SER B 225 -18.66 38.88 -7.72
N LYS B 226 -18.77 39.59 -6.59
CA LYS B 226 -18.80 41.05 -6.64
C LYS B 226 -17.50 41.62 -7.17
N ALA B 227 -16.37 41.06 -6.76
CA ALA B 227 -15.05 41.53 -7.22
C ALA B 227 -14.62 40.78 -8.48
N ILE B 228 -15.47 40.80 -9.51
CA ILE B 228 -15.18 40.13 -10.76
C ILE B 228 -15.98 40.76 -11.89
N ALA B 263 -32.40 -6.06 -11.73
CA ALA B 263 -32.54 -5.02 -10.71
C ALA B 263 -33.85 -4.25 -10.89
N LEU B 264 -34.91 -4.96 -11.28
CA LEU B 264 -36.21 -4.33 -11.44
C LEU B 264 -36.73 -3.70 -10.15
N PRO B 265 -36.71 -4.37 -8.99
CA PRO B 265 -37.09 -3.69 -7.76
C PRO B 265 -35.92 -2.95 -7.17
N PRO B 266 -36.17 -1.87 -6.42
CA PRO B 266 -35.07 -1.13 -5.80
C PRO B 266 -34.40 -1.95 -4.70
N ARG B 267 -33.20 -1.52 -4.33
CA ARG B 267 -32.48 -2.19 -3.27
C ARG B 267 -33.24 -2.07 -1.96
N LEU B 268 -33.16 -3.13 -1.14
CA LEU B 268 -34.03 -3.21 0.04
C LEU B 268 -33.72 -2.12 1.06
N ARG B 269 -32.45 -1.74 1.16
CA ARG B 269 -31.96 -0.70 2.08
C ARG B 269 -31.94 -1.22 3.50
N SER B 270 -32.58 -2.36 3.76
CA SER B 270 -32.48 -3.01 5.06
C SER B 270 -31.28 -3.92 5.10
N VAL B 271 -31.12 -4.75 4.06
CA VAL B 271 -29.87 -5.47 3.86
C VAL B 271 -28.72 -4.50 3.72
N ASP B 272 -28.95 -3.38 3.02
CA ASP B 272 -27.91 -2.36 2.86
C ASP B 272 -27.53 -1.74 4.20
N THR B 273 -28.52 -1.42 5.04
CA THR B 273 -28.22 -0.85 6.35
C THR B 273 -27.50 -1.85 7.24
N PHE B 274 -27.92 -3.12 7.19
CA PHE B 274 -27.25 -4.17 7.95
C PHE B 274 -25.79 -4.31 7.51
N ARG B 275 -25.55 -4.33 6.20
CA ARG B 275 -24.19 -4.43 5.70
C ARG B 275 -23.37 -3.20 6.03
N GLY B 276 -23.99 -2.02 6.03
CA GLY B 276 -23.28 -0.82 6.41
C GLY B 276 -22.87 -0.81 7.88
N ILE B 277 -23.76 -1.30 8.75
CA ILE B 277 -23.40 -1.46 10.16
C ILE B 277 -22.23 -2.43 10.29
N ALA B 278 -22.29 -3.54 9.57
CA ALA B 278 -21.20 -4.52 9.61
C ALA B 278 -19.90 -3.91 9.11
N LEU B 279 -19.97 -3.08 8.07
CA LEU B 279 -18.78 -2.45 7.50
C LEU B 279 -18.17 -1.44 8.46
N ILE B 280 -19.01 -0.62 9.10
CA ILE B 280 -18.52 0.32 10.10
C ILE B 280 -17.84 -0.42 11.24
N LEU B 281 -18.48 -1.50 11.71
CA LEU B 281 -17.89 -2.29 12.78
C LEU B 281 -16.56 -2.90 12.35
N MET B 282 -16.48 -3.41 11.12
CA MET B 282 -15.25 -4.04 10.67
C MET B 282 -14.12 -3.02 10.54
N VAL B 283 -14.43 -1.83 10.00
CA VAL B 283 -13.41 -0.79 9.86
C VAL B 283 -12.94 -0.33 11.23
N PHE B 284 -13.85 -0.26 12.20
CA PHE B 284 -13.44 0.16 13.54
C PHE B 284 -12.57 -0.89 14.22
N VAL B 285 -13.00 -2.16 14.18
CA VAL B 285 -12.29 -3.18 14.95
C VAL B 285 -11.08 -3.75 14.22
N ASN B 286 -10.97 -3.53 12.91
CA ASN B 286 -9.79 -3.97 12.17
C ASN B 286 -8.62 -3.05 12.42
N TYR B 287 -8.87 -1.74 12.50
CA TYR B 287 -7.85 -0.77 12.82
C TYR B 287 -7.41 -0.84 14.28
N GLY B 288 -8.11 -1.61 15.12
CA GLY B 288 -7.73 -1.77 16.50
C GLY B 288 -8.89 -1.53 17.45
N GLY B 289 -9.76 -0.58 17.10
CA GLY B 289 -10.86 -0.24 17.98
C GLY B 289 -10.40 0.33 19.30
N GLY B 290 -9.38 1.18 19.28
CA GLY B 290 -8.81 1.70 20.50
C GLY B 290 -7.91 0.74 21.24
N LYS B 291 -7.57 -0.40 20.61
CA LYS B 291 -6.81 -1.47 21.24
C LYS B 291 -7.49 -2.01 22.50
N TYR B 292 -8.82 -1.86 22.58
CA TYR B 292 -9.57 -2.41 23.69
C TYR B 292 -9.70 -3.92 23.53
N TRP B 293 -9.88 -4.61 24.65
CA TRP B 293 -9.94 -6.06 24.60
C TRP B 293 -11.27 -6.56 24.05
N TYR B 294 -12.34 -5.78 24.20
CA TYR B 294 -13.65 -6.18 23.72
C TYR B 294 -13.91 -5.75 22.29
N PHE B 295 -13.01 -4.99 21.67
CA PHE B 295 -13.10 -4.66 20.26
C PHE B 295 -12.14 -5.48 19.41
N LYS B 296 -11.55 -6.52 19.98
CA LYS B 296 -10.72 -7.47 19.27
C LYS B 296 -11.40 -8.83 19.26
N HIS B 297 -10.79 -9.78 18.55
CA HIS B 297 -11.33 -11.13 18.48
C HIS B 297 -11.02 -11.87 19.78
N ALA B 298 -12.04 -12.50 20.36
CA ALA B 298 -11.86 -13.21 21.61
C ALA B 298 -10.89 -14.36 21.42
N SER B 299 -10.02 -14.56 22.41
CA SER B 299 -9.03 -15.64 22.35
C SER B 299 -9.77 -16.97 22.45
N TRP B 300 -9.93 -17.63 21.31
CA TRP B 300 -10.66 -18.90 21.20
C TRP B 300 -12.11 -18.66 21.61
N ASN B 301 -12.67 -19.47 22.51
CA ASN B 301 -14.10 -19.40 22.80
C ASN B 301 -14.48 -18.03 23.35
N GLY B 302 -15.66 -17.55 22.94
CA GLY B 302 -16.14 -16.27 23.38
C GLY B 302 -16.65 -15.40 22.24
N LEU B 303 -17.45 -14.40 22.58
CA LEU B 303 -18.03 -13.49 21.60
C LEU B 303 -17.71 -12.06 21.99
N THR B 304 -17.13 -11.31 21.04
CA THR B 304 -16.82 -9.90 21.24
C THR B 304 -17.41 -9.10 20.09
N VAL B 305 -17.20 -7.78 20.12
CA VAL B 305 -17.74 -6.92 19.08
C VAL B 305 -17.08 -7.23 17.74
N ALA B 306 -15.79 -7.58 17.74
CA ALA B 306 -15.12 -7.92 16.49
C ALA B 306 -15.59 -9.26 15.93
N ASP B 307 -15.97 -10.19 16.81
CA ASP B 307 -16.39 -11.50 16.35
C ASP B 307 -17.73 -11.47 15.63
N LEU B 308 -18.51 -10.41 15.81
CA LEU B 308 -19.85 -10.34 15.23
C LEU B 308 -19.87 -9.89 13.78
N VAL B 309 -18.73 -9.46 13.24
CA VAL B 309 -18.74 -8.77 11.95
C VAL B 309 -18.78 -9.75 10.79
N PHE B 310 -17.78 -10.62 10.69
CA PHE B 310 -17.66 -11.52 9.55
C PHE B 310 -18.89 -12.40 9.36
N PRO B 311 -19.44 -13.05 10.39
CA PRO B 311 -20.67 -13.84 10.17
C PRO B 311 -21.81 -13.00 9.63
N TRP B 312 -21.95 -11.76 10.07
CA TRP B 312 -22.96 -10.88 9.50
C TRP B 312 -22.69 -10.63 8.02
N PHE B 313 -21.42 -10.50 7.65
CA PHE B 313 -21.08 -10.32 6.25
C PHE B 313 -21.46 -11.55 5.42
N VAL B 314 -21.23 -12.75 5.96
CA VAL B 314 -21.62 -13.96 5.22
C VAL B 314 -23.14 -14.07 5.12
N PHE B 315 -23.84 -13.74 6.21
CA PHE B 315 -25.30 -13.77 6.21
C PHE B 315 -25.86 -12.82 5.15
N ILE B 316 -25.35 -11.58 5.14
CA ILE B 316 -25.79 -10.60 4.15
C ILE B 316 -25.38 -11.03 2.75
N MET B 317 -24.23 -11.69 2.60
CA MET B 317 -23.82 -12.18 1.29
C MET B 317 -24.81 -13.21 0.77
N GLY B 318 -25.28 -14.12 1.63
CA GLY B 318 -26.28 -15.08 1.20
C GLY B 318 -27.61 -14.43 0.87
N SER B 319 -28.03 -13.48 1.70
CA SER B 319 -29.29 -12.77 1.44
C SER B 319 -29.23 -12.05 0.11
N SER B 320 -28.13 -11.35 -0.16
CA SER B 320 -27.96 -10.68 -1.45
C SER B 320 -27.81 -11.68 -2.58
N ILE B 321 -27.24 -12.87 -2.31
CA ILE B 321 -27.16 -13.91 -3.32
C ILE B 321 -28.54 -14.25 -3.82
N PHE B 322 -29.47 -14.52 -2.90
CA PHE B 322 -30.83 -14.82 -3.34
C PHE B 322 -31.50 -13.61 -3.97
N LEU B 323 -31.37 -12.43 -3.34
CA LEU B 323 -32.03 -11.23 -3.82
C LEU B 323 -31.59 -10.83 -5.22
N SER B 324 -30.37 -11.20 -5.62
CA SER B 324 -29.90 -10.89 -6.96
C SER B 324 -30.12 -12.05 -7.92
N MET B 325 -29.97 -13.28 -7.45
CA MET B 325 -30.16 -14.44 -8.32
C MET B 325 -31.60 -14.53 -8.82
N THR B 326 -32.58 -14.34 -7.93
CA THR B 326 -33.96 -14.46 -8.38
C THR B 326 -34.32 -13.33 -9.34
N SER B 327 -33.83 -12.12 -9.09
CA SER B 327 -34.10 -11.01 -10.00
C SER B 327 -33.46 -11.25 -11.36
N ILE B 328 -32.23 -11.77 -11.37
CA ILE B 328 -31.56 -12.05 -12.64
C ILE B 328 -32.31 -13.12 -13.42
N LEU B 329 -32.72 -14.20 -12.74
CA LEU B 329 -33.45 -15.25 -13.44
C LEU B 329 -34.82 -14.78 -13.92
N GLN B 330 -35.48 -13.89 -13.17
CA GLN B 330 -36.81 -13.47 -13.54
C GLN B 330 -36.82 -12.34 -14.57
N ARG B 331 -35.75 -11.56 -14.67
CA ARG B 331 -35.80 -10.37 -15.52
C ARG B 331 -35.53 -10.71 -16.99
N GLY B 332 -34.29 -11.11 -17.31
CA GLY B 332 -33.97 -11.39 -18.70
C GLY B 332 -32.94 -12.48 -18.96
N CYS B 333 -32.42 -13.11 -17.92
CA CYS B 333 -31.24 -13.95 -18.05
C CYS B 333 -31.58 -15.42 -17.89
N SER B 334 -30.62 -16.25 -18.27
CA SER B 334 -30.70 -17.70 -18.14
C SER B 334 -29.84 -18.16 -16.97
N LYS B 335 -29.74 -19.48 -16.81
CA LYS B 335 -28.99 -20.04 -15.69
C LYS B 335 -27.51 -20.24 -16.00
N PHE B 336 -27.16 -20.50 -17.27
CA PHE B 336 -25.76 -20.74 -17.59
C PHE B 336 -24.94 -19.46 -17.49
N ARG B 337 -25.47 -18.34 -17.97
CA ARG B 337 -24.77 -17.06 -17.83
C ARG B 337 -24.63 -16.67 -16.36
N LEU B 338 -25.68 -16.92 -15.57
CA LEU B 338 -25.60 -16.65 -14.14
C LEU B 338 -24.56 -17.52 -13.46
N LEU B 339 -24.46 -18.79 -13.87
CA LEU B 339 -23.43 -19.67 -13.32
C LEU B 339 -22.04 -19.18 -13.69
N GLY B 340 -21.87 -18.71 -14.92
CA GLY B 340 -20.59 -18.13 -15.30
C GLY B 340 -20.25 -16.91 -14.48
N LYS B 341 -21.24 -16.04 -14.25
CA LYS B 341 -21.00 -14.86 -13.42
C LYS B 341 -20.65 -15.24 -11.99
N ILE B 342 -21.34 -16.24 -11.44
CA ILE B 342 -21.05 -16.69 -10.07
C ILE B 342 -19.64 -17.24 -9.97
N ALA B 343 -19.24 -18.06 -10.95
CA ALA B 343 -17.89 -18.62 -10.93
C ALA B 343 -16.83 -17.54 -11.07
N TRP B 344 -17.06 -16.58 -11.97
CA TRP B 344 -16.09 -15.50 -12.15
C TRP B 344 -15.99 -14.63 -10.90
N ARG B 345 -17.12 -14.34 -10.26
CA ARG B 345 -17.08 -13.54 -9.05
C ARG B 345 -16.37 -14.28 -7.92
N SER B 346 -16.61 -15.59 -7.78
CA SER B 346 -15.91 -16.36 -6.78
C SER B 346 -14.41 -16.38 -7.03
N PHE B 347 -14.01 -16.57 -8.30
CA PHE B 347 -12.59 -16.56 -8.63
C PHE B 347 -11.97 -15.21 -8.35
N LEU B 348 -12.68 -14.12 -8.68
CA LEU B 348 -12.16 -12.78 -8.43
C LEU B 348 -12.01 -12.53 -6.93
N LEU B 349 -13.00 -12.94 -6.14
CA LEU B 349 -12.90 -12.76 -4.69
C LEU B 349 -11.73 -13.54 -4.11
N ILE B 350 -11.55 -14.79 -4.56
CA ILE B 350 -10.45 -15.61 -4.08
C ILE B 350 -9.11 -14.98 -4.44
N CYS B 351 -8.98 -14.52 -5.69
CA CYS B 351 -7.72 -13.92 -6.13
C CYS B 351 -7.43 -12.62 -5.38
N ILE B 352 -8.45 -11.79 -5.17
CA ILE B 352 -8.25 -10.55 -4.41
C ILE B 352 -7.81 -10.88 -2.99
N GLY B 353 -8.47 -11.83 -2.35
CA GLY B 353 -8.09 -12.20 -1.00
C GLY B 353 -6.66 -12.72 -0.92
N ILE B 354 -6.25 -13.51 -1.92
CA ILE B 354 -4.91 -14.08 -1.90
C ILE B 354 -3.85 -13.01 -2.13
N ILE B 355 -4.11 -12.10 -3.07
CA ILE B 355 -3.08 -11.16 -3.53
C ILE B 355 -3.09 -9.87 -2.71
N ILE B 356 -4.21 -9.17 -2.74
CA ILE B 356 -4.26 -7.80 -2.22
C ILE B 356 -4.43 -7.79 -0.71
N VAL B 357 -5.35 -8.59 -0.20
CA VAL B 357 -5.82 -8.43 1.18
C VAL B 357 -4.95 -9.17 2.17
N ASN B 358 -4.67 -10.47 1.91
CA ASN B 358 -4.04 -11.29 2.96
C ASN B 358 -2.62 -10.85 3.27
N PRO B 359 -1.67 -10.83 2.33
CA PRO B 359 -0.30 -10.51 2.71
C PRO B 359 -0.16 -9.05 3.10
N ASN B 360 0.70 -8.80 4.08
CA ASN B 360 1.07 -7.44 4.47
C ASN B 360 2.46 -7.21 3.87
N TYR B 361 2.50 -6.48 2.76
CA TYR B 361 3.70 -6.37 1.94
C TYR B 361 4.77 -5.49 2.54
N CYS B 362 4.50 -4.84 3.68
CA CYS B 362 5.51 -4.02 4.33
C CYS B 362 6.68 -4.85 4.85
N LEU B 363 6.54 -6.17 4.95
CA LEU B 363 7.64 -7.04 5.36
C LEU B 363 8.46 -7.56 4.19
N GLY B 364 8.06 -7.28 2.95
CA GLY B 364 8.83 -7.70 1.81
C GLY B 364 7.98 -8.29 0.70
N PRO B 365 8.62 -8.65 -0.40
CA PRO B 365 7.88 -9.22 -1.54
C PRO B 365 7.29 -10.58 -1.21
N LEU B 366 6.18 -10.90 -1.87
CA LEU B 366 5.48 -12.15 -1.63
C LEU B 366 6.29 -13.34 -2.12
N SER B 367 6.20 -14.46 -1.39
CA SER B 367 6.80 -15.71 -1.78
C SER B 367 5.81 -16.83 -1.53
N TRP B 368 5.93 -17.91 -2.32
CA TRP B 368 4.99 -19.02 -2.18
C TRP B 368 5.17 -19.76 -0.86
N ASP B 369 6.38 -19.75 -0.30
CA ASP B 369 6.60 -20.44 0.97
C ASP B 369 6.03 -19.67 2.15
N LYS B 370 5.59 -18.43 1.96
CA LYS B 370 5.06 -17.62 3.05
C LYS B 370 3.82 -16.86 2.59
N VAL B 371 2.92 -17.53 1.88
CA VAL B 371 1.67 -16.94 1.40
C VAL B 371 0.52 -17.62 2.13
N ARG B 372 -0.41 -16.82 2.65
CA ARG B 372 -1.56 -17.33 3.39
C ARG B 372 -2.68 -17.64 2.40
N ILE B 373 -2.81 -18.93 2.07
CA ILE B 373 -3.84 -19.33 1.10
C ILE B 373 -5.25 -19.02 1.59
N PRO B 374 -5.65 -19.37 2.82
CA PRO B 374 -6.98 -18.98 3.28
C PRO B 374 -7.05 -17.49 3.56
N GLY B 375 -8.26 -17.00 3.75
CA GLY B 375 -8.47 -15.60 4.05
C GLY B 375 -9.95 -15.29 4.15
N VAL B 376 -10.23 -14.03 4.50
CA VAL B 376 -11.62 -13.59 4.60
C VAL B 376 -12.29 -13.64 3.24
N LEU B 377 -11.65 -13.05 2.22
CA LEU B 377 -12.27 -13.01 0.90
C LEU B 377 -12.20 -14.35 0.21
N GLN B 378 -11.18 -15.17 0.49
CA GLN B 378 -11.17 -16.52 -0.06
C GLN B 378 -12.33 -17.34 0.47
N ARG B 379 -12.58 -17.27 1.79
CA ARG B 379 -13.71 -17.97 2.37
C ARG B 379 -15.02 -17.43 1.81
N LEU B 380 -15.13 -16.10 1.69
CA LEU B 380 -16.35 -15.53 1.13
C LEU B 380 -16.58 -15.98 -0.30
N GLY B 381 -15.52 -16.02 -1.12
CA GLY B 381 -15.67 -16.47 -2.49
C GLY B 381 -16.04 -17.93 -2.59
N VAL B 382 -15.43 -18.78 -1.78
CA VAL B 382 -15.75 -20.21 -1.82
C VAL B 382 -17.19 -20.44 -1.40
N THR B 383 -17.62 -19.79 -0.31
CA THR B 383 -19.00 -19.93 0.14
C THR B 383 -19.98 -19.34 -0.87
N TYR B 384 -19.61 -18.22 -1.50
CA TYR B 384 -20.43 -17.65 -2.55
C TYR B 384 -20.62 -18.65 -3.67
N PHE B 385 -19.53 -19.24 -4.16
CA PHE B 385 -19.63 -20.22 -5.22
C PHE B 385 -20.55 -21.36 -4.81
N VAL B 386 -20.32 -21.95 -3.64
CA VAL B 386 -21.06 -23.15 -3.26
C VAL B 386 -22.54 -22.83 -3.10
N VAL B 387 -22.88 -21.81 -2.32
CA VAL B 387 -24.28 -21.56 -2.02
C VAL B 387 -25.01 -20.97 -3.23
N ALA B 388 -24.34 -20.14 -4.03
CA ALA B 388 -24.98 -19.60 -5.23
C ALA B 388 -25.20 -20.68 -6.27
N VAL B 389 -24.26 -21.62 -6.39
CA VAL B 389 -24.46 -22.74 -7.31
C VAL B 389 -25.61 -23.62 -6.84
N LEU B 390 -25.70 -23.86 -5.52
CA LEU B 390 -26.82 -24.63 -5.00
C LEU B 390 -28.15 -23.94 -5.29
N GLU B 391 -28.22 -22.62 -5.03
CA GLU B 391 -29.44 -21.88 -5.28
C GLU B 391 -29.81 -21.87 -6.76
N LEU B 392 -28.82 -21.68 -7.63
CA LEU B 392 -29.07 -21.67 -9.06
C LEU B 392 -29.55 -23.03 -9.55
N LEU B 393 -28.95 -24.12 -9.04
CA LEU B 393 -29.39 -25.45 -9.41
C LEU B 393 -30.83 -25.70 -8.99
N PHE B 394 -31.12 -25.45 -7.71
CA PHE B 394 -32.48 -25.60 -7.20
C PHE B 394 -33.14 -24.22 -7.09
N ALA B 395 -33.49 -23.67 -8.25
CA ALA B 395 -34.10 -22.36 -8.35
C ALA B 395 -35.51 -22.49 -8.90
N LYS B 396 -36.48 -21.89 -8.22
CA LYS B 396 -37.87 -21.90 -8.63
C LYS B 396 -38.44 -20.50 -8.53
N PRO B 397 -39.45 -20.17 -9.35
CA PRO B 397 -40.02 -18.83 -9.30
C PRO B 397 -40.63 -18.52 -7.94
N VAL B 398 -40.54 -17.26 -7.54
CA VAL B 398 -41.08 -16.79 -6.27
C VAL B 398 -42.59 -16.66 -6.38
N PRO B 399 -43.38 -17.33 -5.55
CA PRO B 399 -44.82 -17.20 -5.61
C PRO B 399 -45.36 -16.12 -4.69
N GLU B 400 -46.46 -15.52 -5.12
CA GLU B 400 -47.10 -14.44 -4.36
C GLU B 400 -47.81 -15.00 -3.13
N SER B 407 -51.84 -16.10 4.09
CA SER B 407 -51.62 -17.24 4.97
C SER B 407 -50.72 -16.88 6.15
N CYS B 408 -51.24 -17.05 7.36
CA CYS B 408 -50.45 -16.74 8.55
C CYS B 408 -49.27 -17.68 8.71
N LEU B 409 -49.37 -18.90 8.18
CA LEU B 409 -48.28 -19.88 8.24
C LEU B 409 -48.25 -20.61 6.90
N SER B 410 -47.44 -20.09 5.97
CA SER B 410 -47.33 -20.68 4.65
C SER B 410 -46.24 -21.75 4.59
N LEU B 411 -45.08 -21.46 5.17
CA LEU B 411 -43.93 -22.38 5.22
C LEU B 411 -43.47 -22.78 3.82
N ARG B 412 -43.74 -21.94 2.82
CA ARG B 412 -43.34 -22.25 1.45
C ARG B 412 -41.85 -22.04 1.22
N ASP B 413 -41.22 -21.13 1.98
CA ASP B 413 -39.81 -20.83 1.79
C ASP B 413 -38.90 -21.99 2.18
N ILE B 414 -39.42 -23.00 2.87
CA ILE B 414 -38.66 -24.19 3.20
C ILE B 414 -39.06 -25.38 2.32
N THR B 415 -40.34 -25.50 1.99
CA THR B 415 -40.76 -26.54 1.07
C THR B 415 -40.19 -26.32 -0.33
N SER B 416 -39.92 -25.06 -0.69
CA SER B 416 -39.32 -24.73 -1.97
C SER B 416 -37.81 -24.81 -1.96
N SER B 417 -37.18 -25.05 -0.81
CA SER B 417 -35.74 -25.15 -0.71
C SER B 417 -35.31 -26.41 0.03
N TRP B 418 -36.21 -27.38 0.19
CA TRP B 418 -35.85 -28.64 0.82
C TRP B 418 -34.62 -29.34 0.23
N PRO B 419 -34.34 -29.33 -1.08
CA PRO B 419 -33.07 -29.95 -1.52
C PRO B 419 -31.84 -29.23 -1.00
N GLN B 420 -31.84 -27.90 -1.06
CA GLN B 420 -30.72 -27.14 -0.51
C GLN B 420 -30.62 -27.33 1.00
N TRP B 421 -31.77 -27.43 1.69
CA TRP B 421 -31.76 -27.68 3.12
C TRP B 421 -31.16 -29.04 3.43
N LEU B 422 -31.50 -30.06 2.64
CA LEU B 422 -30.91 -31.38 2.83
C LEU B 422 -29.40 -31.35 2.62
N LEU B 423 -28.96 -30.65 1.57
CA LEU B 423 -27.52 -30.55 1.32
C LEU B 423 -26.81 -29.81 2.45
N ILE B 424 -27.43 -28.76 2.96
CA ILE B 424 -26.83 -28.00 4.07
C ILE B 424 -26.77 -28.84 5.33
N LEU B 425 -27.82 -29.64 5.59
CA LEU B 425 -27.80 -30.53 6.75
C LEU B 425 -26.72 -31.59 6.61
N VAL B 426 -26.54 -32.12 5.40
CA VAL B 426 -25.47 -33.10 5.18
C VAL B 426 -24.11 -32.45 5.39
N LEU B 427 -23.93 -31.21 4.91
CA LEU B 427 -22.67 -30.52 5.14
C LEU B 427 -22.43 -30.28 6.63
N GLU B 428 -23.47 -29.89 7.36
CA GLU B 428 -23.34 -29.69 8.79
C GLU B 428 -22.98 -30.99 9.50
N GLY B 429 -23.59 -32.10 9.09
CA GLY B 429 -23.21 -33.39 9.63
C GLY B 429 -21.77 -33.73 9.34
N LEU B 430 -21.30 -33.40 8.14
CA LEU B 430 -19.89 -33.61 7.80
C LEU B 430 -18.98 -32.79 8.69
N TRP B 431 -19.34 -31.52 8.93
CA TRP B 431 -18.54 -30.68 9.80
C TRP B 431 -18.48 -31.25 11.21
N LEU B 432 -19.63 -31.66 11.75
CA LEU B 432 -19.66 -32.23 13.09
C LEU B 432 -18.85 -33.52 13.17
N GLY B 433 -18.99 -34.39 12.16
CA GLY B 433 -18.24 -35.62 12.16
C GLY B 433 -16.74 -35.40 12.09
N LEU B 434 -16.30 -34.50 11.21
CA LEU B 434 -14.87 -34.20 11.12
C LEU B 434 -14.35 -33.58 12.41
N THR B 435 -15.11 -32.67 13.01
CA THR B 435 -14.64 -31.98 14.20
C THR B 435 -14.55 -32.95 15.39
N PHE B 436 -15.59 -33.74 15.61
CA PHE B 436 -15.68 -34.57 16.80
C PHE B 436 -15.19 -36.00 16.60
N LEU B 437 -14.74 -36.37 15.40
CA LEU B 437 -14.37 -37.76 15.15
C LEU B 437 -13.08 -37.95 14.36
N LEU B 438 -12.54 -36.92 13.72
CA LEU B 438 -11.32 -37.11 12.94
C LEU B 438 -10.15 -37.38 13.87
N PRO B 439 -9.44 -38.50 13.72
CA PRO B 439 -8.32 -38.78 14.63
C PRO B 439 -7.12 -37.89 14.35
N VAL B 440 -6.89 -36.91 15.20
CA VAL B 440 -5.74 -36.03 15.07
C VAL B 440 -4.53 -36.70 15.72
N PRO B 441 -3.41 -36.86 15.02
CA PRO B 441 -2.25 -37.52 15.63
C PRO B 441 -1.61 -36.62 16.67
N GLY B 442 -1.32 -37.19 17.83
CA GLY B 442 -0.79 -36.42 18.94
C GLY B 442 -1.77 -35.39 19.47
N CYS B 443 -3.06 -35.74 19.49
CA CYS B 443 -4.11 -34.81 19.91
C CYS B 443 -5.36 -35.61 20.18
N PRO B 444 -6.14 -35.26 21.21
CA PRO B 444 -7.40 -35.98 21.44
C PRO B 444 -8.38 -35.72 20.32
N THR B 445 -9.16 -36.75 19.99
CA THR B 445 -10.21 -36.61 18.99
C THR B 445 -11.32 -35.73 19.52
N GLY B 446 -11.93 -34.96 18.62
CA GLY B 446 -12.96 -34.02 19.03
C GLY B 446 -12.44 -32.89 19.89
N TYR B 447 -11.30 -32.32 19.52
CA TYR B 447 -10.66 -31.28 20.32
C TYR B 447 -11.10 -29.91 19.81
N LEU B 448 -11.79 -29.16 20.67
CA LEU B 448 -12.18 -27.79 20.39
C LEU B 448 -11.31 -26.78 21.16
N GLY B 449 -10.29 -27.25 21.86
CA GLY B 449 -9.49 -26.40 22.71
C GLY B 449 -8.52 -25.57 21.92
N PRO B 450 -7.86 -24.64 22.62
CA PRO B 450 -6.92 -23.73 21.96
C PRO B 450 -5.47 -24.18 21.95
N GLY B 451 -5.11 -25.22 22.69
CA GLY B 451 -3.72 -25.63 22.75
C GLY B 451 -2.88 -24.63 23.53
N GLY B 452 -1.59 -24.60 23.20
CA GLY B 452 -0.69 -23.72 23.93
C GLY B 452 -0.65 -24.09 25.40
N ILE B 453 -0.94 -23.10 26.25
CA ILE B 453 -1.12 -23.37 27.67
C ILE B 453 -2.58 -23.63 28.02
N GLY B 454 -3.47 -23.60 27.03
CA GLY B 454 -4.86 -23.87 27.29
C GLY B 454 -5.13 -25.33 27.54
N ASP B 455 -6.31 -25.60 28.12
CA ASP B 455 -6.72 -26.95 28.51
C ASP B 455 -5.66 -27.60 29.39
N PHE B 456 -5.19 -26.84 30.38
CA PHE B 456 -4.17 -27.26 31.34
C PHE B 456 -2.85 -27.63 30.67
N GLY B 457 -2.61 -27.10 29.47
CA GLY B 457 -1.32 -27.25 28.82
C GLY B 457 -0.94 -28.65 28.43
N LYS B 458 -1.88 -29.60 28.46
CA LYS B 458 -1.57 -30.98 28.09
C LYS B 458 -1.39 -31.16 26.59
N TYR B 459 -1.80 -30.19 25.78
CA TYR B 459 -1.67 -30.25 24.33
C TYR B 459 -1.02 -28.95 23.86
N PRO B 460 0.31 -28.86 23.97
CA PRO B 460 0.99 -27.60 23.62
C PRO B 460 0.78 -27.17 22.18
N ASN B 461 0.73 -28.10 21.24
CA ASN B 461 0.50 -27.78 19.83
C ASN B 461 -0.73 -28.56 19.37
N CYS B 462 -1.91 -28.00 19.65
CA CYS B 462 -3.16 -28.61 19.20
C CYS B 462 -4.21 -27.56 18.84
N THR B 463 -3.79 -26.35 18.47
CA THR B 463 -4.72 -25.25 18.27
C THR B 463 -5.71 -25.56 17.15
N GLY B 464 -6.98 -25.73 17.52
CA GLY B 464 -8.01 -26.03 16.55
C GLY B 464 -8.48 -27.46 16.59
N GLY B 465 -7.54 -28.39 16.77
CA GLY B 465 -7.89 -29.79 16.76
C GLY B 465 -8.08 -30.32 15.36
N ALA B 466 -9.32 -30.70 15.02
CA ALA B 466 -9.58 -31.28 13.71
C ALA B 466 -9.44 -30.25 12.60
N ALA B 467 -9.99 -29.05 12.79
CA ALA B 467 -9.89 -28.02 11.77
C ALA B 467 -8.44 -27.59 11.54
N GLY B 468 -7.70 -27.38 12.63
CA GLY B 468 -6.29 -27.04 12.49
C GLY B 468 -5.50 -28.16 11.85
N TYR B 469 -5.80 -29.40 12.19
CA TYR B 469 -5.11 -30.53 11.58
C TYR B 469 -5.40 -30.62 10.09
N ILE B 470 -6.65 -30.39 9.68
CA ILE B 470 -6.99 -30.41 8.27
C ILE B 470 -6.26 -29.29 7.53
N ASP B 471 -6.24 -28.09 8.12
CA ASP B 471 -5.53 -26.98 7.49
C ASP B 471 -4.05 -27.29 7.32
N ARG B 472 -3.42 -27.80 8.37
CA ARG B 472 -1.98 -28.07 8.30
C ARG B 472 -1.67 -29.26 7.39
N LEU B 473 -2.60 -30.21 7.28
CA LEU B 473 -2.36 -31.37 6.43
C LEU B 473 -2.51 -31.01 4.96
N LEU B 474 -3.52 -30.21 4.61
CA LEU B 474 -3.79 -29.90 3.21
C LEU B 474 -2.99 -28.69 2.73
N LEU B 475 -3.17 -27.54 3.38
CA LEU B 475 -2.52 -26.32 2.93
C LEU B 475 -1.11 -26.16 3.47
N GLY B 476 -0.70 -26.98 4.43
CA GLY B 476 0.61 -26.84 5.03
C GLY B 476 0.64 -25.79 6.13
N ASP B 477 1.63 -25.94 7.01
CA ASP B 477 1.75 -25.01 8.13
C ASP B 477 2.12 -23.61 7.66
N ASP B 478 2.95 -23.50 6.63
CA ASP B 478 3.43 -22.20 6.18
C ASP B 478 2.35 -21.36 5.51
N HIS B 479 1.30 -21.99 4.99
CA HIS B 479 0.22 -21.29 4.29
C HIS B 479 -0.97 -21.01 5.18
N LEU B 480 -0.74 -20.76 6.47
CA LEU B 480 -1.82 -20.51 7.41
C LEU B 480 -1.54 -19.20 8.16
N TYR B 481 -2.52 -18.79 8.97
CA TYR B 481 -2.38 -17.59 9.78
C TYR B 481 -1.28 -17.82 10.82
N GLN B 482 -0.15 -17.13 10.64
CA GLN B 482 0.96 -17.30 11.56
C GLN B 482 0.62 -16.79 12.96
N HIS B 483 -0.30 -15.84 13.06
CA HIS B 483 -0.62 -15.18 14.33
C HIS B 483 -2.12 -15.27 14.57
N PRO B 484 -2.61 -16.40 15.06
CA PRO B 484 -4.05 -16.53 15.33
C PRO B 484 -4.49 -15.69 16.52
N SER B 485 -5.78 -15.74 16.85
CA SER B 485 -6.31 -14.94 17.93
C SER B 485 -6.05 -15.53 19.31
N SER B 486 -5.56 -16.76 19.38
CA SER B 486 -5.25 -17.39 20.67
C SER B 486 -3.80 -17.23 21.08
N ALA B 487 -2.95 -16.67 20.22
CA ALA B 487 -1.53 -16.55 20.54
C ALA B 487 -1.30 -15.55 21.67
N VAL B 488 -2.15 -14.53 21.78
CA VAL B 488 -1.94 -13.50 22.78
C VAL B 488 -2.17 -14.05 24.19
N LEU B 489 -3.21 -14.88 24.35
CA LEU B 489 -3.62 -15.37 25.67
C LEU B 489 -3.10 -16.77 25.97
N TYR B 490 -3.37 -17.73 25.11
CA TYR B 490 -3.01 -19.12 25.36
C TYR B 490 -1.58 -19.45 24.93
N HIS B 491 -0.84 -18.49 24.38
CA HIS B 491 0.55 -18.67 24.00
C HIS B 491 0.73 -19.84 23.03
N THR B 492 -0.18 -19.96 22.08
CA THR B 492 -0.07 -21.01 21.08
C THR B 492 1.13 -20.75 20.17
N GLU B 493 1.88 -21.82 19.88
CA GLU B 493 3.07 -21.72 19.06
C GLU B 493 2.85 -22.25 17.64
N VAL B 494 1.65 -22.71 17.31
CA VAL B 494 1.36 -23.24 15.99
C VAL B 494 0.55 -22.20 15.21
N ALA B 495 0.43 -22.44 13.90
CA ALA B 495 -0.30 -21.55 13.01
C ALA B 495 -1.67 -22.14 12.73
N TYR B 496 -2.72 -21.42 13.14
CA TYR B 496 -4.08 -21.82 12.88
C TYR B 496 -4.78 -20.69 12.14
N ASP B 497 -5.42 -21.02 11.01
CA ASP B 497 -6.10 -20.03 10.19
C ASP B 497 -7.57 -20.01 10.53
N PRO B 498 -8.11 -18.89 11.02
CA PRO B 498 -9.56 -18.84 11.32
C PRO B 498 -10.43 -19.14 10.12
N GLU B 499 -10.02 -18.70 8.92
CA GLU B 499 -10.77 -18.98 7.70
C GLU B 499 -10.27 -20.27 7.04
N GLY B 500 -10.21 -21.35 7.80
CA GLY B 500 -9.62 -22.58 7.32
C GLY B 500 -10.50 -23.34 6.35
N ILE B 501 -10.22 -24.64 6.19
CA ILE B 501 -11.00 -25.45 5.27
C ILE B 501 -12.25 -25.98 5.94
N LEU B 502 -12.13 -26.48 7.17
CA LEU B 502 -13.27 -27.08 7.84
C LEU B 502 -14.34 -26.05 8.16
N GLY B 503 -13.95 -24.85 8.60
CA GLY B 503 -14.92 -23.82 8.92
C GLY B 503 -15.68 -23.29 7.74
N THR B 504 -15.20 -23.57 6.52
CA THR B 504 -15.93 -23.14 5.33
C THR B 504 -17.28 -23.83 5.23
N ILE B 505 -17.42 -25.01 5.83
CA ILE B 505 -18.72 -25.68 5.83
C ILE B 505 -19.73 -24.87 6.64
N ASN B 506 -19.34 -24.39 7.83
CA ASN B 506 -20.25 -23.58 8.62
C ASN B 506 -20.45 -22.20 8.00
N SER B 507 -19.44 -21.67 7.31
CA SER B 507 -19.62 -20.43 6.58
C SER B 507 -20.67 -20.62 5.47
N ILE B 508 -20.64 -21.76 4.79
CA ILE B 508 -21.65 -22.07 3.78
C ILE B 508 -23.02 -22.21 4.44
N VAL B 509 -23.07 -22.83 5.61
CA VAL B 509 -24.34 -23.00 6.33
C VAL B 509 -24.94 -21.64 6.66
N MET B 510 -24.11 -20.71 7.13
CA MET B 510 -24.65 -19.41 7.48
C MET B 510 -24.96 -18.57 6.24
N ALA B 511 -24.21 -18.75 5.16
CA ALA B 511 -24.59 -18.11 3.90
C ALA B 511 -25.95 -18.60 3.44
N PHE B 512 -26.23 -19.89 3.62
CA PHE B 512 -27.56 -20.40 3.28
C PHE B 512 -28.62 -19.90 4.24
N LEU B 513 -28.27 -19.66 5.51
CA LEU B 513 -29.22 -19.02 6.42
C LEU B 513 -29.55 -17.61 5.94
N GLY B 514 -28.55 -16.88 5.45
CA GLY B 514 -28.82 -15.60 4.82
C GLY B 514 -29.69 -15.73 3.59
N VAL B 515 -29.46 -16.78 2.80
CA VAL B 515 -30.32 -17.06 1.65
C VAL B 515 -31.76 -17.30 2.10
N GLN B 516 -31.94 -17.97 3.23
CA GLN B 516 -33.27 -18.17 3.79
C GLN B 516 -33.90 -16.85 4.20
N ALA B 517 -33.09 -15.95 4.77
CA ALA B 517 -33.60 -14.62 5.10
C ALA B 517 -34.05 -13.88 3.84
N GLY B 518 -33.26 -13.99 2.77
CA GLY B 518 -33.67 -13.40 1.51
C GLY B 518 -34.94 -14.01 0.96
N LYS B 519 -35.09 -15.32 1.11
CA LYS B 519 -36.32 -15.99 0.69
C LYS B 519 -37.52 -15.47 1.45
N ILE B 520 -37.36 -15.25 2.75
CA ILE B 520 -38.44 -14.65 3.54
C ILE B 520 -38.76 -13.25 3.05
N LEU B 521 -37.71 -12.45 2.81
CA LEU B 521 -37.90 -11.07 2.37
C LEU B 521 -38.55 -10.98 1.00
N LEU B 522 -38.38 -11.98 0.16
CA LEU B 522 -38.83 -11.88 -1.21
C LEU B 522 -40.12 -12.64 -1.49
N TYR B 523 -40.38 -13.76 -0.80
CA TYR B 523 -41.65 -14.44 -0.96
C TYR B 523 -42.80 -13.58 -0.48
N TYR B 524 -42.72 -13.09 0.75
CA TYR B 524 -43.81 -12.34 1.38
C TYR B 524 -43.56 -10.83 1.29
N LYS B 525 -43.41 -10.35 0.06
CA LYS B 525 -43.26 -8.91 -0.14
C LYS B 525 -44.53 -8.15 0.22
N ALA B 526 -45.69 -8.72 -0.12
CA ALA B 526 -46.95 -8.02 0.07
C ALA B 526 -47.29 -7.87 1.55
N ARG B 527 -47.09 -8.91 2.34
CA ARG B 527 -47.50 -8.94 3.74
C ARG B 527 -46.27 -8.76 4.63
N THR B 528 -46.16 -7.58 5.24
CA THR B 528 -45.05 -7.32 6.15
C THR B 528 -45.11 -8.21 7.39
N LYS B 529 -46.32 -8.42 7.92
CA LYS B 529 -46.46 -9.32 9.06
C LYS B 529 -45.99 -10.73 8.72
N ASP B 530 -46.24 -11.16 7.47
CA ASP B 530 -45.75 -12.45 7.02
C ASP B 530 -44.23 -12.48 6.89
N ILE B 531 -43.56 -11.34 6.95
CA ILE B 531 -42.10 -11.31 7.00
C ILE B 531 -41.61 -11.29 8.43
N LEU B 532 -42.22 -10.45 9.27
CA LEU B 532 -41.80 -10.34 10.66
C LEU B 532 -42.05 -11.62 11.44
N ILE B 533 -43.15 -12.33 11.15
CA ILE B 533 -43.41 -13.58 11.84
C ILE B 533 -42.33 -14.61 11.53
N ARG B 534 -41.96 -14.73 10.26
CA ARG B 534 -40.89 -15.66 9.89
C ARG B 534 -39.57 -15.23 10.49
N PHE B 535 -39.28 -13.93 10.51
CA PHE B 535 -38.03 -13.45 11.08
C PHE B 535 -37.95 -13.78 12.57
N THR B 536 -39.01 -13.50 13.32
CA THR B 536 -38.97 -13.79 14.75
C THR B 536 -38.95 -15.30 15.02
N ALA B 537 -39.62 -16.08 14.18
CA ALA B 537 -39.57 -17.53 14.33
C ALA B 537 -38.15 -18.06 14.11
N TRP B 538 -37.50 -17.60 13.04
CA TRP B 538 -36.14 -18.05 12.77
C TRP B 538 -35.17 -17.59 13.84
N CYS B 539 -35.31 -16.34 14.29
CA CYS B 539 -34.44 -15.83 15.35
C CYS B 539 -34.62 -16.63 16.63
N CYS B 540 -35.87 -16.93 17.00
CA CYS B 540 -36.12 -17.73 18.20
C CYS B 540 -35.55 -19.14 18.07
N ILE B 541 -35.74 -19.77 16.90
CA ILE B 541 -35.25 -21.13 16.71
C ILE B 541 -33.73 -21.17 16.80
N LEU B 542 -33.06 -20.24 16.13
CA LEU B 542 -31.60 -20.23 16.16
C LEU B 542 -31.06 -19.83 17.53
N GLY B 543 -31.75 -18.93 18.23
CA GLY B 543 -31.34 -18.60 19.59
C GLY B 543 -31.48 -19.78 20.54
N LEU B 544 -32.57 -20.54 20.41
CA LEU B 544 -32.74 -21.74 21.23
C LEU B 544 -31.68 -22.78 20.90
N ILE B 545 -31.37 -22.95 19.61
CA ILE B 545 -30.32 -23.90 19.23
C ILE B 545 -28.98 -23.47 19.82
N SER B 546 -28.66 -22.18 19.74
CA SER B 546 -27.41 -21.68 20.30
C SER B 546 -27.36 -21.84 21.82
N VAL B 547 -28.48 -21.57 22.50
CA VAL B 547 -28.52 -21.73 23.95
C VAL B 547 -28.32 -23.19 24.34
N ALA B 548 -28.95 -24.10 23.59
CA ALA B 548 -28.77 -25.52 23.86
C ALA B 548 -27.32 -25.94 23.62
N LEU B 549 -26.71 -25.45 22.55
CA LEU B 549 -25.35 -25.88 22.20
C LEU B 549 -24.32 -25.34 23.19
N THR B 550 -24.38 -24.04 23.49
CA THR B 550 -23.37 -23.42 24.34
C THR B 550 -23.69 -23.50 25.83
N LYS B 551 -24.92 -23.86 26.20
CA LYS B 551 -25.36 -23.84 27.60
C LYS B 551 -25.11 -22.47 28.21
N VAL B 552 -25.49 -21.43 27.46
CA VAL B 552 -25.29 -20.02 27.76
C VAL B 552 -23.96 -19.76 28.49
N SER B 553 -22.92 -20.47 28.09
CA SER B 553 -21.58 -20.29 28.62
C SER B 553 -20.59 -20.22 27.48
N GLU B 554 -19.62 -19.30 27.58
CA GLU B 554 -18.70 -19.09 26.47
C GLU B 554 -17.73 -20.26 26.33
N ASN B 555 -17.36 -20.91 27.42
CA ASN B 555 -16.37 -21.99 27.37
C ASN B 555 -16.95 -23.38 27.62
N GLU B 556 -18.14 -23.47 28.22
CA GLU B 556 -18.80 -24.74 28.42
C GLU B 556 -19.71 -25.05 27.23
N GLY B 557 -20.56 -26.06 27.36
CA GLY B 557 -21.46 -26.44 26.30
C GLY B 557 -20.86 -27.46 25.35
N PHE B 558 -21.72 -28.05 24.53
CA PHE B 558 -21.27 -29.04 23.57
C PHE B 558 -20.32 -28.44 22.54
N ILE B 559 -20.74 -27.35 21.91
CA ILE B 559 -19.91 -26.64 20.93
C ILE B 559 -19.86 -25.17 21.31
N PRO B 560 -18.89 -24.73 22.10
CA PRO B 560 -18.86 -23.34 22.54
C PRO B 560 -18.73 -22.37 21.37
N VAL B 561 -19.29 -21.18 21.55
CA VAL B 561 -19.20 -20.15 20.52
C VAL B 561 -17.74 -19.84 20.25
N ASN B 562 -17.30 -20.05 19.01
CA ASN B 562 -15.90 -19.90 18.66
C ASN B 562 -15.80 -19.45 17.21
N LYS B 563 -15.21 -18.27 16.99
CA LYS B 563 -15.03 -17.79 15.62
C LYS B 563 -13.89 -18.49 14.90
N ASN B 564 -12.83 -18.87 15.64
CA ASN B 564 -11.69 -19.50 15.01
C ASN B 564 -12.07 -20.83 14.36
N LEU B 565 -12.88 -21.63 15.04
CA LEU B 565 -13.40 -22.86 14.47
C LEU B 565 -14.66 -22.65 13.65
N TRP B 566 -15.24 -21.46 13.70
CA TRP B 566 -16.55 -21.19 13.09
C TRP B 566 -17.56 -22.24 13.55
N SER B 567 -17.67 -22.39 14.86
CA SER B 567 -18.47 -23.47 15.44
C SER B 567 -19.93 -23.33 15.01
N LEU B 568 -20.63 -24.47 15.02
CA LEU B 568 -22.04 -24.46 14.64
C LEU B 568 -22.85 -23.56 15.56
N SER B 569 -22.53 -23.56 16.85
CA SER B 569 -23.20 -22.65 17.77
C SER B 569 -22.86 -21.20 17.47
N TYR B 570 -21.64 -20.93 17.01
CA TYR B 570 -21.28 -19.59 16.57
C TYR B 570 -22.15 -19.15 15.39
N VAL B 571 -22.32 -20.04 14.42
CA VAL B 571 -23.16 -19.73 13.27
C VAL B 571 -24.60 -19.48 13.70
N THR B 572 -25.13 -20.34 14.57
CA THR B 572 -26.51 -20.17 15.02
C THR B 572 -26.70 -18.90 15.83
N THR B 573 -25.76 -18.59 16.72
CA THR B 573 -25.88 -17.36 17.52
C THR B 573 -25.81 -16.13 16.64
N LEU B 574 -24.85 -16.07 15.72
CA LEU B 574 -24.71 -14.90 14.89
C LEU B 574 -25.84 -14.80 13.88
N SER B 575 -26.41 -15.93 13.44
CA SER B 575 -27.55 -15.88 12.54
C SER B 575 -28.82 -15.44 13.29
N SER B 576 -28.97 -15.84 14.55
CA SER B 576 -30.08 -15.30 15.34
C SER B 576 -29.92 -13.80 15.56
N PHE B 577 -28.69 -13.35 15.81
CA PHE B 577 -28.45 -11.91 15.92
C PHE B 577 -28.78 -11.20 14.62
N ALA B 578 -28.37 -11.78 13.48
CA ALA B 578 -28.66 -11.18 12.19
C ALA B 578 -30.16 -11.15 11.91
N PHE B 579 -30.87 -12.21 12.28
CA PHE B 579 -32.31 -12.24 12.09
C PHE B 579 -32.99 -11.19 12.95
N PHE B 580 -32.53 -10.99 14.18
CA PHE B 580 -33.09 -9.92 15.02
C PHE B 580 -32.78 -8.55 14.43
N ILE B 581 -31.56 -8.36 13.93
CA ILE B 581 -31.20 -7.07 13.33
C ILE B 581 -32.07 -6.81 12.11
N LEU B 582 -32.31 -7.83 11.29
CA LEU B 582 -33.20 -7.66 10.14
C LEU B 582 -34.63 -7.42 10.59
N LEU B 583 -35.07 -8.06 11.66
CA LEU B 583 -36.42 -7.85 12.17
C LEU B 583 -36.61 -6.45 12.71
N VAL B 584 -35.53 -5.82 13.21
CA VAL B 584 -35.63 -4.44 13.69
C VAL B 584 -35.30 -3.42 12.61
N LEU B 585 -34.70 -3.83 11.49
CA LEU B 585 -34.34 -2.92 10.41
C LEU B 585 -35.34 -2.90 9.28
N TYR B 586 -35.86 -4.04 8.86
CA TYR B 586 -36.81 -4.08 7.75
C TYR B 586 -38.04 -3.23 8.01
N PRO B 587 -38.72 -3.32 9.16
CA PRO B 587 -39.84 -2.39 9.40
C PRO B 587 -39.42 -0.94 9.42
N VAL B 588 -38.42 -0.60 10.24
CA VAL B 588 -38.04 0.80 10.44
C VAL B 588 -37.60 1.45 9.14
N VAL B 589 -36.78 0.75 8.35
CA VAL B 589 -36.20 1.35 7.16
C VAL B 589 -37.03 1.11 5.90
N ASP B 590 -37.94 0.13 5.91
CA ASP B 590 -38.67 -0.24 4.71
C ASP B 590 -40.18 -0.10 4.84
N VAL B 591 -40.78 -0.64 5.90
CA VAL B 591 -42.23 -0.79 5.92
C VAL B 591 -42.90 0.56 6.16
N LYS B 592 -42.63 1.17 7.31
CA LYS B 592 -43.16 2.50 7.61
C LYS B 592 -42.14 3.60 7.37
N GLY B 593 -40.90 3.26 7.04
CA GLY B 593 -39.90 4.26 6.68
C GLY B 593 -39.56 5.24 7.78
N LEU B 594 -39.41 4.75 9.01
CA LEU B 594 -39.05 5.65 10.11
C LEU B 594 -37.70 6.30 9.89
N TRP B 595 -36.72 5.51 9.44
CA TRP B 595 -35.35 6.02 9.37
C TRP B 595 -34.59 5.21 8.33
N THR B 596 -34.27 5.83 7.20
CA THR B 596 -33.25 5.27 6.32
C THR B 596 -31.91 5.36 7.02
N GLY B 597 -31.00 4.46 6.68
CA GLY B 597 -29.79 4.42 7.47
C GLY B 597 -28.80 5.46 7.01
N THR B 598 -28.83 6.63 7.65
CA THR B 598 -28.11 7.79 7.13
C THR B 598 -26.60 7.58 7.14
N PRO B 599 -25.95 7.11 8.21
CA PRO B 599 -24.52 6.82 8.14
C PRO B 599 -24.18 5.38 7.78
N PHE B 600 -25.16 4.59 7.32
CA PHE B 600 -24.98 3.14 7.22
C PHE B 600 -25.01 2.63 5.79
N PHE B 601 -26.03 2.96 5.00
CA PHE B 601 -26.13 2.31 3.69
C PHE B 601 -25.17 2.89 2.66
N TYR B 602 -24.54 4.03 2.94
CA TYR B 602 -23.51 4.53 2.04
C TYR B 602 -22.33 3.57 1.91
N PRO B 603 -21.77 3.03 3.00
CA PRO B 603 -20.91 1.84 2.84
C PRO B 603 -21.67 0.60 2.43
N GLY B 604 -22.97 0.52 2.70
CA GLY B 604 -23.72 -0.66 2.33
C GLY B 604 -23.73 -0.91 0.84
N MET B 605 -23.71 0.15 0.04
CA MET B 605 -23.67 0.02 -1.41
C MET B 605 -22.26 -0.07 -1.98
N ASN B 606 -21.23 0.10 -1.16
CA ASN B 606 -19.85 0.07 -1.64
C ASN B 606 -19.00 -0.92 -0.85
N SER B 607 -19.64 -1.85 -0.14
CA SER B 607 -18.96 -2.82 0.73
C SER B 607 -17.63 -3.35 0.20
N ILE B 608 -17.62 -3.89 -1.02
CA ILE B 608 -16.40 -4.50 -1.52
C ILE B 608 -15.29 -3.47 -1.69
N LEU B 609 -15.63 -2.30 -2.23
CA LEU B 609 -14.63 -1.24 -2.39
C LEU B 609 -14.13 -0.75 -1.04
N VAL B 610 -15.03 -0.63 -0.06
CA VAL B 610 -14.63 -0.18 1.27
C VAL B 610 -13.69 -1.18 1.90
N TYR B 611 -14.01 -2.47 1.78
CA TYR B 611 -13.14 -3.51 2.34
C TYR B 611 -11.77 -3.51 1.67
N VAL B 612 -11.75 -3.45 0.35
CA VAL B 612 -10.48 -3.46 -0.37
C VAL B 612 -9.67 -2.22 -0.03
N GLY B 613 -10.32 -1.06 0.07
CA GLY B 613 -9.61 0.17 0.38
C GLY B 613 -9.03 0.16 1.79
N HIS B 614 -9.80 -0.29 2.78
CA HIS B 614 -9.26 -0.33 4.12
C HIS B 614 -8.27 -1.47 4.32
N GLU B 615 -8.27 -2.45 3.40
CA GLU B 615 -7.24 -3.49 3.42
C GLU B 615 -6.01 -3.06 2.63
N VAL B 616 -6.12 -1.98 1.87
CA VAL B 616 -4.99 -1.43 1.13
C VAL B 616 -4.43 -0.19 1.82
N PHE B 617 -5.32 0.68 2.30
CA PHE B 617 -4.95 1.97 2.88
C PHE B 617 -4.94 1.94 4.40
N GLU B 618 -4.47 0.86 5.02
CA GLU B 618 -4.46 0.78 6.48
C GLU B 618 -3.65 1.92 7.08
N ASN B 619 -2.45 2.14 6.55
CA ASN B 619 -1.47 3.01 7.17
C ASN B 619 -1.53 4.44 6.65
N TYR B 620 -2.39 4.74 5.68
CA TYR B 620 -2.36 6.05 5.05
C TYR B 620 -2.87 7.11 6.03
N PHE B 621 -2.49 8.37 5.77
CA PHE B 621 -2.60 9.40 6.81
C PHE B 621 -4.01 9.60 7.33
N PRO B 622 -5.05 9.76 6.50
CA PRO B 622 -6.37 10.02 7.09
C PRO B 622 -6.82 8.91 8.03
N PHE B 623 -6.47 7.67 7.72
CA PHE B 623 -6.86 6.53 8.55
C PHE B 623 -5.84 6.14 9.59
N GLN B 624 -4.64 6.73 9.56
CA GLN B 624 -3.59 6.38 10.52
C GLN B 624 -2.50 7.43 10.50
N TRP B 625 -2.18 7.97 11.66
CA TRP B 625 -1.09 8.92 11.82
C TRP B 625 -0.35 8.60 13.11
N LYS B 626 0.80 9.26 13.29
CA LYS B 626 1.59 9.02 14.49
C LYS B 626 0.89 9.58 15.72
N LEU B 627 1.02 8.87 16.83
CA LEU B 627 0.38 9.23 18.09
C LEU B 627 1.39 9.77 19.08
N LYS B 628 0.91 10.64 19.97
CA LYS B 628 1.77 11.17 21.03
C LYS B 628 2.26 10.05 21.93
N ASP B 629 1.37 9.13 22.31
CA ASP B 629 1.74 7.96 23.10
C ASP B 629 0.95 6.76 22.61
N ASN B 630 1.67 5.75 22.11
CA ASN B 630 1.03 4.56 21.56
C ASN B 630 0.33 3.73 22.63
N GLN B 631 0.72 3.86 23.89
CA GLN B 631 0.11 3.11 24.98
C GLN B 631 -0.98 3.95 25.66
N SER B 632 -1.97 4.36 24.88
CA SER B 632 -3.09 5.14 25.39
C SER B 632 -4.34 4.78 24.61
N HIS B 633 -5.41 4.47 25.34
CA HIS B 633 -6.67 4.10 24.68
C HIS B 633 -7.41 5.31 24.13
N LYS B 634 -7.30 6.47 24.78
CA LYS B 634 -7.97 7.67 24.29
C LYS B 634 -7.38 8.15 22.98
N GLU B 635 -6.16 7.73 22.63
CA GLU B 635 -5.54 8.10 21.37
C GLU B 635 -5.88 7.10 20.26
N HIS B 636 -5.72 5.81 20.55
CA HIS B 636 -6.08 4.79 19.55
C HIS B 636 -7.57 4.83 19.23
N LEU B 637 -8.41 5.02 20.25
CA LEU B 637 -9.84 5.07 20.02
C LEU B 637 -10.21 6.26 19.15
N THR B 638 -9.61 7.43 19.41
CA THR B 638 -9.87 8.60 18.58
C THR B 638 -9.39 8.36 17.15
N GLN B 639 -8.22 7.75 17.00
CA GLN B 639 -7.70 7.44 15.67
C GLN B 639 -8.63 6.52 14.90
N ASN B 640 -9.13 5.47 15.56
CA ASN B 640 -9.99 4.50 14.89
C ASN B 640 -11.36 5.09 14.60
N ILE B 641 -11.89 5.91 15.50
CA ILE B 641 -13.16 6.58 15.24
C ILE B 641 -13.04 7.54 14.06
N VAL B 642 -11.94 8.30 14.00
CA VAL B 642 -11.71 9.20 12.87
C VAL B 642 -11.59 8.41 11.58
N ALA B 643 -10.86 7.29 11.61
CA ALA B 643 -10.69 6.48 10.41
C ALA B 643 -12.02 5.90 9.94
N THR B 644 -12.83 5.39 10.86
CA THR B 644 -14.13 4.85 10.48
C THR B 644 -15.06 5.93 9.95
N ALA B 645 -15.05 7.11 10.58
CA ALA B 645 -15.86 8.21 10.10
C ALA B 645 -15.41 8.65 8.71
N LEU B 646 -14.11 8.65 8.47
CA LEU B 646 -13.59 9.00 7.15
C LEU B 646 -13.98 7.95 6.11
N TRP B 647 -14.02 6.68 6.49
CA TRP B 647 -14.46 5.66 5.53
C TRP B 647 -15.95 5.81 5.23
N VAL B 648 -16.75 6.14 6.23
CA VAL B 648 -18.17 6.43 5.99
C VAL B 648 -18.31 7.63 5.07
N LEU B 649 -17.48 8.66 5.29
CA LEU B 649 -17.51 9.85 4.45
C LEU B 649 -17.11 9.53 3.01
N ILE B 650 -16.09 8.69 2.83
CA ILE B 650 -15.66 8.30 1.49
C ILE B 650 -16.76 7.50 0.80
N ALA B 651 -17.40 6.58 1.51
CA ALA B 651 -18.49 5.82 0.92
C ALA B 651 -19.66 6.73 0.57
N TYR B 652 -19.94 7.73 1.40
CA TYR B 652 -20.99 8.70 1.09
C TYR B 652 -20.63 9.52 -0.14
N ILE B 653 -19.37 9.93 -0.27
CA ILE B 653 -18.93 10.69 -1.42
C ILE B 653 -19.09 9.87 -2.69
N LEU B 654 -18.71 8.59 -2.63
CA LEU B 654 -18.89 7.72 -3.79
C LEU B 654 -20.36 7.48 -4.09
N TYR B 655 -21.22 7.42 -3.06
CA TYR B 655 -22.65 7.32 -3.29
C TYR B 655 -23.20 8.55 -4.00
N ARG B 656 -22.70 9.73 -3.62
CA ARG B 656 -23.15 10.97 -4.26
C ARG B 656 -22.81 10.97 -5.75
N LYS B 657 -21.61 10.49 -6.09
CA LYS B 657 -21.17 10.43 -7.48
C LYS B 657 -21.56 9.13 -8.18
N LYS B 658 -22.16 8.19 -7.46
CA LYS B 658 -22.62 6.92 -8.02
C LYS B 658 -21.48 6.15 -8.68
N ILE B 659 -20.50 5.78 -7.86
CA ILE B 659 -19.32 5.06 -8.33
C ILE B 659 -19.28 3.69 -7.67
N PHE B 660 -20.44 3.10 -7.44
CA PHE B 660 -20.51 1.78 -6.82
C PHE B 660 -19.69 0.77 -7.59
N TRP B 661 -18.88 -0.01 -6.87
CA TRP B 661 -18.07 -1.07 -7.45
C TRP B 661 -18.69 -2.42 -7.07
N LYS B 662 -18.84 -3.29 -8.05
CA LYS B 662 -19.41 -4.61 -7.84
C LYS B 662 -18.48 -5.67 -8.44
N ILE B 663 -18.77 -6.92 -8.13
CA ILE B 663 -18.02 -8.06 -8.64
C ILE B 663 -16.54 -7.95 -8.27
#